data_3V8U
#
_entry.id   3V8U
#
_cell.length_a   75.030
_cell.length_b   82.133
_cell.length_c   111.314
_cell.angle_alpha   90.00
_cell.angle_beta   106.07
_cell.angle_gamma   90.00
#
_symmetry.space_group_name_H-M   'P 1 21 1'
#
loop_
_entity.id
_entity.type
_entity.pdbx_description
1 polymer 'Transferrin binding-protein B'
2 water water
#
_entity_poly.entity_id   1
_entity_poly.type   'polypeptide(L)'
_entity_poly.pdbx_seq_one_letter_code
;MSYYHHHHHHDYDIPTTENLYFQGAMLGGGGSFDLDSVDTEAPRPAPKYQDVFSEKPQAQKDQGGYGFAMRLKRRNWYPQ
AKEDEVKLDESDWEATGLPDEPKELPKRQKSVIEKVETDSDNNIYSSPYLKPSNHQNGNTGNGINQPKNQAKDYENFKYV
YSGWFYKHAKREFNLKVEPKSAKNGDDGYIFYHGKEPSRQLPASGKITYKGVWHFATDTKKGQKFREIIQPSKSQGDRYS
GFSGDDGEEYSNKNKSTLTDGQEGYGFTSNLEVDFHNKKLTGKLIRNNANTDNNQATTTQYYSLEAQVTGNRFNGKATAT
DKPQQNSETKEHPFVSDSSSLSGGFFGPQGEELGFRFLSDDQKVAVVGSAKTKDKPANGNTAAASGGTDAAASNGAAGTS
SENGKLTTVLDAVELKLGDKKVQKLDNFSNAAQLVVDGIMIPLLPEASESGNNQANQGTNGGTAFTRKFDHTPESDKKDA
QAGTQTNGAQTASNTAGDTNGKTKTYEVEVCCSNLNYLKYGMLTRKNSKSAMQAGESSSQADAKTEQVEQSMFLQGERTD
EKEIPSEQNIVYRGSWYGYIANDKSTSWSGNASNATSGNRAEFTVNFADKKITGTLTADNRQEATFTIDGNIKDNGFEGT
AKTAESGFDLDQSNTTRTPKAYITDAKVQGGFYGPKAEELGGWFAYPGDKQTKNATNASGNSSATVVFGAKRQQPVQ
;
_entity_poly.pdbx_strand_id   A,B
#
# COMPACT_ATOMS: atom_id res chain seq x y z
N GLN A 63 16.41 13.75 -25.13
CA GLN A 63 15.55 13.23 -26.19
C GLN A 63 14.27 12.64 -25.62
N GLY A 64 14.40 11.61 -24.79
CA GLY A 64 13.24 10.95 -24.22
C GLY A 64 12.76 9.85 -25.15
N GLY A 65 12.03 8.88 -24.59
CA GLY A 65 11.44 7.81 -25.38
C GLY A 65 11.39 6.44 -24.71
N TYR A 66 10.50 5.58 -25.20
CA TYR A 66 10.33 4.24 -24.68
C TYR A 66 11.27 3.23 -25.29
N GLY A 67 11.77 3.56 -26.47
CA GLY A 67 12.54 2.60 -27.23
C GLY A 67 12.81 3.15 -28.61
N PHE A 68 13.84 2.62 -29.26
CA PHE A 68 14.22 3.11 -30.57
C PHE A 68 14.68 1.96 -31.44
N ALA A 69 14.52 2.14 -32.74
CA ALA A 69 14.81 1.10 -33.69
C ALA A 69 15.36 1.73 -34.94
N MET A 70 16.16 0.97 -35.67
CA MET A 70 16.69 1.48 -36.92
C MET A 70 16.56 0.43 -38.02
N ARG A 71 16.31 0.93 -39.24
CA ARG A 71 16.00 0.12 -40.41
C ARG A 71 17.30 -0.32 -41.06
N LEU A 72 17.39 -1.60 -41.41
CA LEU A 72 18.51 -2.06 -42.22
C LEU A 72 18.47 -1.38 -43.58
N LYS A 73 19.64 -0.99 -44.08
CA LYS A 73 19.75 -0.40 -45.41
C LYS A 73 19.95 -1.48 -46.47
N ARG A 74 19.62 -1.16 -47.72
CA ARG A 74 19.90 -2.03 -48.85
C ARG A 74 20.27 -1.15 -50.04
N ARG A 75 21.48 -1.31 -50.55
CA ARG A 75 21.97 -0.44 -51.62
C ARG A 75 21.52 -0.87 -52.99
N ASN A 76 21.17 0.11 -53.83
CA ASN A 76 21.00 -0.15 -55.24
C ASN A 76 22.37 -0.39 -55.84
N TRP A 77 22.74 -1.67 -55.95
CA TRP A 77 24.05 -2.07 -56.42
C TRP A 77 24.16 -1.96 -57.93
N TYR A 78 23.06 -1.63 -58.59
CA TYR A 78 23.10 -1.46 -60.01
C TYR A 78 24.09 -0.34 -60.29
N PRO A 79 24.96 -0.53 -61.30
CA PRO A 79 25.93 0.51 -61.65
C PRO A 79 25.21 1.67 -62.32
N GLN A 80 25.85 2.33 -63.29
CA GLN A 80 25.23 3.49 -63.96
C GLN A 80 24.64 4.50 -62.99
N ALA A 81 23.60 4.07 -62.27
CA ALA A 81 22.97 4.86 -61.22
C ALA A 81 23.99 5.29 -60.18
N LYS A 82 24.89 4.37 -59.85
CA LYS A 82 26.01 4.64 -58.96
C LYS A 82 25.55 5.15 -57.58
N GLU A 83 24.90 4.30 -56.81
CA GLU A 83 24.54 4.70 -55.47
C GLU A 83 25.82 4.69 -54.66
N ASP A 84 26.54 3.58 -54.72
CA ASP A 84 27.89 3.48 -54.14
C ASP A 84 27.98 3.65 -52.61
N GLU A 85 27.07 4.44 -52.05
CA GLU A 85 27.09 4.73 -50.62
C GLU A 85 25.73 5.14 -50.08
N VAL A 86 25.28 4.40 -49.08
CA VAL A 86 24.08 4.73 -48.33
C VAL A 86 24.49 4.79 -46.87
N LYS A 87 24.61 6.01 -46.35
CA LYS A 87 25.03 6.20 -44.96
C LYS A 87 23.82 6.13 -44.06
N LEU A 88 24.05 5.79 -42.80
CA LEU A 88 23.00 5.84 -41.79
C LEU A 88 22.70 7.32 -41.41
N ASP A 89 21.76 7.56 -40.50
CA ASP A 89 21.42 8.93 -40.14
C ASP A 89 20.70 9.03 -38.81
N GLU A 90 20.90 10.14 -38.09
CA GLU A 90 20.11 10.37 -36.87
C GLU A 90 18.62 10.33 -37.22
N SER A 91 18.27 11.01 -38.31
CA SER A 91 16.93 10.96 -38.92
C SER A 91 16.29 9.57 -39.08
N ASP A 92 17.11 8.51 -39.08
CA ASP A 92 16.58 7.17 -39.29
C ASP A 92 16.12 6.47 -38.01
N TRP A 93 16.53 6.97 -36.84
CA TRP A 93 16.04 6.39 -35.60
C TRP A 93 14.51 6.55 -35.54
N GLU A 94 13.81 5.48 -35.17
CA GLU A 94 12.35 5.51 -35.10
C GLU A 94 11.92 5.16 -33.67
N ALA A 95 10.81 5.74 -33.23
CA ALA A 95 10.34 5.51 -31.86
C ALA A 95 9.62 4.16 -31.84
N THR A 96 9.76 3.41 -30.77
CA THR A 96 9.09 2.12 -30.70
C THR A 96 7.69 2.21 -30.10
N GLY A 97 7.47 3.19 -29.23
CA GLY A 97 6.25 3.26 -28.42
C GLY A 97 6.36 2.29 -27.24
N LEU A 98 5.47 2.41 -26.29
CA LEU A 98 5.54 1.59 -25.09
C LEU A 98 5.35 0.13 -25.47
N PRO A 99 6.21 -0.74 -24.95
CA PRO A 99 5.88 -2.14 -25.20
C PRO A 99 5.01 -2.68 -24.09
N ASP A 100 4.01 -3.46 -24.49
CA ASP A 100 3.15 -4.14 -23.52
C ASP A 100 3.89 -5.35 -22.93
N GLU A 101 4.53 -6.13 -23.79
CA GLU A 101 5.46 -7.16 -23.35
C GLU A 101 6.80 -6.89 -24.00
N PRO A 102 7.82 -6.65 -23.19
CA PRO A 102 9.08 -6.17 -23.78
C PRO A 102 9.86 -7.29 -24.50
N LYS A 103 9.50 -8.56 -24.26
CA LYS A 103 10.05 -9.70 -25.01
C LYS A 103 9.59 -9.71 -26.45
N GLU A 104 8.43 -9.14 -26.70
CA GLU A 104 7.90 -9.10 -28.03
C GLU A 104 8.64 -8.05 -28.85
N LEU A 105 8.45 -8.11 -30.15
CA LEU A 105 9.02 -7.17 -31.09
C LEU A 105 8.32 -5.81 -31.04
N PRO A 106 9.03 -4.76 -31.47
CA PRO A 106 8.44 -3.44 -31.66
C PRO A 106 7.28 -3.59 -32.62
N LYS A 107 6.09 -3.27 -32.13
CA LYS A 107 4.87 -3.55 -32.85
C LYS A 107 4.81 -2.75 -34.14
N ARG A 108 5.22 -1.49 -34.09
CA ARG A 108 5.01 -0.59 -35.22
C ARG A 108 5.87 -1.05 -36.38
N GLN A 109 7.11 -1.40 -36.06
CA GLN A 109 8.06 -1.76 -37.10
C GLN A 109 8.13 -3.26 -37.46
N LYS A 110 7.68 -4.14 -36.57
CA LYS A 110 7.50 -5.54 -36.99
C LYS A 110 6.39 -5.62 -38.04
N SER A 111 5.53 -4.62 -38.10
CA SER A 111 4.46 -4.63 -39.08
C SER A 111 4.98 -4.16 -40.42
N VAL A 112 6.01 -3.34 -40.42
CA VAL A 112 6.55 -2.83 -41.68
C VAL A 112 7.22 -3.98 -42.41
N ILE A 113 7.80 -4.87 -41.63
CA ILE A 113 8.46 -6.05 -42.14
C ILE A 113 7.52 -7.12 -42.69
N GLU A 114 6.45 -7.40 -41.97
CA GLU A 114 5.47 -8.38 -42.43
C GLU A 114 4.96 -8.00 -43.81
N LYS A 115 4.79 -6.70 -44.04
CA LYS A 115 4.36 -6.17 -45.34
C LYS A 115 5.46 -6.24 -46.40
N VAL A 116 6.50 -7.02 -46.12
CA VAL A 116 7.62 -7.12 -47.04
C VAL A 116 7.85 -8.53 -47.55
N GLU A 117 8.21 -8.53 -48.82
CA GLU A 117 7.33 -9.07 -49.84
C GLU A 117 8.01 -9.81 -50.98
N THR A 118 8.74 -10.90 -50.67
CA THR A 118 9.05 -11.38 -49.33
C THR A 118 10.13 -12.38 -49.55
N ASP A 119 10.31 -12.64 -50.84
CA ASP A 119 9.87 -13.88 -51.47
C ASP A 119 10.46 -15.15 -50.91
N SER A 120 10.35 -16.24 -51.67
CA SER A 120 10.81 -17.56 -51.21
C SER A 120 10.51 -17.87 -49.72
N ASP A 121 11.34 -17.32 -48.84
CA ASP A 121 11.21 -17.49 -47.39
C ASP A 121 10.44 -16.31 -46.78
N ASN A 122 9.64 -16.61 -45.77
CA ASN A 122 8.79 -15.60 -45.18
C ASN A 122 8.84 -15.61 -43.66
N ASN A 123 9.71 -16.42 -43.08
CA ASN A 123 9.88 -16.45 -41.63
C ASN A 123 10.60 -15.22 -41.11
N ILE A 124 10.20 -14.76 -39.91
CA ILE A 124 10.86 -13.64 -39.27
C ILE A 124 11.79 -14.16 -38.18
N TYR A 125 13.09 -13.89 -38.35
CA TYR A 125 14.09 -14.36 -37.42
C TYR A 125 14.44 -13.22 -36.47
N SER A 126 14.64 -13.54 -35.21
CA SER A 126 14.86 -12.53 -34.19
C SER A 126 15.89 -13.07 -33.21
N SER A 127 16.49 -12.19 -32.43
CA SER A 127 17.41 -12.62 -31.38
C SER A 127 16.82 -13.72 -30.49
N PRO A 128 17.67 -14.68 -30.07
CA PRO A 128 17.26 -15.86 -29.30
C PRO A 128 16.32 -15.61 -28.11
N TYR A 129 16.67 -14.68 -27.23
CA TYR A 129 15.89 -14.45 -26.01
C TYR A 129 14.49 -13.90 -26.26
N LEU A 130 14.29 -13.25 -27.41
CA LEU A 130 13.00 -12.68 -27.77
C LEU A 130 11.90 -13.76 -27.89
N LYS A 131 10.64 -13.36 -27.74
CA LYS A 131 9.54 -14.33 -27.85
C LYS A 131 8.39 -13.85 -28.74
N PRO A 132 8.60 -13.90 -30.06
CA PRO A 132 7.51 -13.64 -31.01
C PRO A 132 6.38 -14.64 -30.85
N GLN A 146 21.17 -23.88 -31.84
CA GLN A 146 20.39 -22.95 -30.99
C GLN A 146 21.26 -21.84 -30.38
N PRO A 147 21.42 -20.73 -31.11
CA PRO A 147 22.24 -19.58 -30.69
C PRO A 147 21.87 -19.07 -29.29
N LYS A 148 22.79 -18.38 -28.64
CA LYS A 148 22.57 -17.72 -27.35
C LYS A 148 23.16 -16.31 -27.40
N ASN A 149 22.59 -15.38 -26.64
CA ASN A 149 23.06 -14.01 -26.60
C ASN A 149 22.86 -13.47 -25.18
N GLN A 150 23.85 -13.66 -24.31
CA GLN A 150 23.66 -13.44 -22.89
C GLN A 150 24.91 -12.94 -22.20
N ALA A 151 24.74 -12.34 -21.03
CA ALA A 151 25.88 -11.88 -20.28
C ALA A 151 26.11 -12.70 -19.03
N LYS A 152 25.45 -13.85 -18.94
CA LYS A 152 25.81 -14.86 -17.95
C LYS A 152 25.62 -14.36 -16.54
N ASP A 153 24.45 -14.67 -15.98
CA ASP A 153 23.94 -14.12 -14.71
C ASP A 153 23.53 -12.66 -14.89
N TYR A 154 23.22 -12.32 -16.14
CA TYR A 154 22.72 -11.00 -16.49
C TYR A 154 21.95 -10.94 -17.83
N GLU A 155 20.95 -11.77 -18.15
CA GLU A 155 20.46 -12.99 -17.50
C GLU A 155 19.09 -13.18 -18.12
N ASN A 156 18.10 -12.74 -17.34
CA ASN A 156 16.70 -12.72 -17.72
C ASN A 156 16.11 -11.35 -17.37
N PHE A 157 16.02 -10.49 -18.38
CA PHE A 157 15.53 -9.13 -18.21
C PHE A 157 14.04 -9.18 -17.96
N LYS A 158 13.51 -8.13 -17.32
CA LYS A 158 12.06 -7.97 -17.18
C LYS A 158 11.53 -6.70 -17.84
N TYR A 159 12.32 -5.63 -17.83
CA TYR A 159 11.80 -4.31 -18.21
C TYR A 159 12.34 -3.77 -19.54
N VAL A 160 13.51 -4.26 -19.97
CA VAL A 160 14.13 -3.79 -21.21
C VAL A 160 14.57 -4.97 -22.07
N TYR A 161 14.46 -4.80 -23.38
CA TYR A 161 15.06 -5.75 -24.31
C TYR A 161 15.61 -5.00 -25.48
N SER A 162 16.76 -5.45 -25.95
CA SER A 162 17.36 -4.99 -27.20
C SER A 162 17.54 -6.19 -28.15
N GLY A 163 17.69 -5.91 -29.43
CA GLY A 163 17.78 -7.00 -30.36
C GLY A 163 17.59 -6.59 -31.81
N TRP A 164 17.34 -7.60 -32.62
CA TRP A 164 17.17 -7.42 -34.05
C TRP A 164 16.14 -8.43 -34.47
N PHE A 165 15.44 -8.12 -35.55
CA PHE A 165 14.62 -9.12 -36.24
C PHE A 165 14.66 -8.85 -37.74
N TYR A 166 14.55 -9.91 -38.54
CA TYR A 166 14.61 -9.77 -39.99
C TYR A 166 13.96 -10.93 -40.72
N LYS A 167 13.68 -10.70 -42.01
CA LYS A 167 13.31 -11.77 -42.94
C LYS A 167 14.11 -11.46 -44.19
N HIS A 168 14.41 -12.51 -44.97
CA HIS A 168 15.20 -12.38 -46.20
C HIS A 168 14.35 -11.75 -47.28
N ALA A 169 14.62 -10.49 -47.62
CA ALA A 169 13.71 -9.76 -48.49
C ALA A 169 13.90 -10.14 -49.95
N LYS A 170 12.84 -9.97 -50.74
CA LYS A 170 12.87 -10.25 -52.17
C LYS A 170 13.90 -9.37 -52.87
N ARG A 171 14.62 -9.94 -53.83
CA ARG A 171 15.53 -9.14 -54.62
C ARG A 171 14.72 -8.21 -55.49
N GLU A 172 15.24 -7.01 -55.71
CA GLU A 172 14.51 -6.03 -56.47
C GLU A 172 15.28 -5.86 -57.73
N PHE A 173 14.59 -5.71 -58.85
CA PHE A 173 15.26 -5.54 -60.12
C PHE A 173 14.35 -4.88 -61.13
N ASN A 174 14.84 -3.79 -61.72
CA ASN A 174 13.98 -2.88 -62.43
C ASN A 174 14.74 -2.03 -63.43
N LEU A 175 14.54 -2.32 -64.71
CA LEU A 175 15.22 -1.58 -65.77
C LEU A 175 14.28 -0.61 -66.46
N LYS A 176 13.03 -0.59 -66.01
CA LYS A 176 12.02 0.32 -66.56
C LYS A 176 12.02 1.62 -65.78
N VAL A 177 12.54 1.58 -64.57
CA VAL A 177 12.60 2.75 -63.70
C VAL A 177 13.97 3.43 -63.80
N GLU A 178 13.96 4.76 -63.90
CA GLU A 178 15.17 5.57 -63.77
C GLU A 178 15.29 6.10 -62.35
N PRO A 179 16.48 6.00 -61.74
CA PRO A 179 17.73 5.48 -62.30
C PRO A 179 17.98 3.99 -62.01
N LYS A 180 17.54 3.11 -62.92
CA LYS A 180 17.74 1.65 -62.89
C LYS A 180 18.18 1.01 -61.55
N SER A 181 17.27 0.31 -60.89
CA SER A 181 17.51 -0.20 -59.54
C SER A 181 17.72 -1.71 -59.42
N ALA A 182 18.54 -2.10 -58.46
CA ALA A 182 18.75 -3.52 -58.15
C ALA A 182 19.07 -3.64 -56.68
N LYS A 183 18.37 -4.51 -55.96
CA LYS A 183 18.60 -4.62 -54.52
C LYS A 183 18.48 -6.04 -54.05
N ASN A 184 19.35 -6.39 -53.11
CA ASN A 184 19.43 -7.74 -52.61
C ASN A 184 19.72 -7.78 -51.13
N GLY A 185 19.07 -8.70 -50.41
CA GLY A 185 19.47 -8.96 -49.03
C GLY A 185 18.39 -8.79 -47.97
N ASP A 186 18.79 -9.12 -46.74
CA ASP A 186 17.90 -9.10 -45.60
C ASP A 186 17.28 -7.73 -45.37
N ASP A 187 16.17 -7.72 -44.64
CA ASP A 187 15.55 -6.49 -44.19
C ASP A 187 14.98 -6.71 -42.80
N GLY A 188 15.14 -5.71 -41.95
CA GLY A 188 14.80 -5.83 -40.54
C GLY A 188 15.15 -4.61 -39.73
N TYR A 189 15.40 -4.85 -38.45
CA TYR A 189 15.60 -3.78 -37.50
C TYR A 189 16.56 -4.20 -36.43
N ILE A 190 17.28 -3.21 -35.90
CA ILE A 190 17.79 -3.32 -34.54
C ILE A 190 16.96 -2.38 -33.67
N PHE A 191 16.80 -2.73 -32.41
CA PHE A 191 15.91 -1.96 -31.54
C PHE A 191 16.23 -2.24 -30.09
N TYR A 192 15.90 -1.28 -29.25
CA TYR A 192 15.69 -1.59 -27.85
C TYR A 192 14.41 -0.89 -27.48
N HIS A 193 13.71 -1.47 -26.50
CA HIS A 193 12.55 -0.80 -25.91
C HIS A 193 12.43 -1.25 -24.48
N GLY A 194 11.59 -0.55 -23.75
CA GLY A 194 11.52 -0.68 -22.30
C GLY A 194 10.19 -0.28 -21.71
N LYS A 195 9.90 -0.86 -20.56
CA LYS A 195 8.73 -0.54 -19.74
C LYS A 195 9.16 0.18 -18.49
N GLU A 196 8.38 1.17 -18.09
CA GLU A 196 8.46 1.77 -16.77
C GLU A 196 9.72 2.52 -16.48
N PRO A 197 9.94 3.65 -17.16
CA PRO A 197 11.16 4.45 -16.95
C PRO A 197 11.30 4.80 -15.48
N SER A 198 12.51 4.66 -14.97
CA SER A 198 12.70 4.60 -13.53
C SER A 198 12.43 5.90 -12.81
N ARG A 199 11.88 5.75 -11.60
CA ARG A 199 11.38 6.84 -10.75
C ARG A 199 12.43 7.17 -9.72
N GLN A 200 12.98 6.11 -9.12
CA GLN A 200 14.10 6.22 -8.21
C GLN A 200 15.30 5.39 -8.68
N LEU A 201 16.48 5.74 -8.15
CA LEU A 201 17.72 5.02 -8.40
C LEU A 201 18.40 4.81 -7.06
N PRO A 202 19.52 4.07 -7.03
CA PRO A 202 20.27 4.02 -5.77
C PRO A 202 20.95 5.36 -5.42
N ALA A 203 21.10 5.60 -4.12
CA ALA A 203 21.70 6.84 -3.68
C ALA A 203 23.18 6.86 -4.01
N SER A 204 23.83 5.71 -3.86
CA SER A 204 25.29 5.66 -4.00
C SER A 204 25.86 4.30 -4.40
N GLY A 205 27.15 4.28 -4.68
CA GLY A 205 27.84 3.04 -4.98
C GLY A 205 28.06 2.82 -6.46
N LYS A 206 28.92 1.84 -6.77
CA LYS A 206 29.17 1.46 -8.14
C LYS A 206 28.56 0.09 -8.36
N ILE A 207 27.73 -0.01 -9.38
CA ILE A 207 26.95 -1.22 -9.62
C ILE A 207 27.24 -1.76 -11.00
N THR A 208 27.54 -3.06 -11.10
CA THR A 208 27.79 -3.67 -12.41
C THR A 208 26.47 -3.96 -13.09
N TYR A 209 26.33 -3.42 -14.30
CA TYR A 209 25.27 -3.79 -15.23
C TYR A 209 25.92 -4.61 -16.34
N LYS A 210 25.36 -5.77 -16.65
CA LYS A 210 25.91 -6.58 -17.77
C LYS A 210 24.83 -6.99 -18.74
N GLY A 211 25.02 -6.72 -20.02
CA GLY A 211 24.02 -7.11 -21.00
C GLY A 211 24.52 -7.60 -22.35
N VAL A 212 23.73 -7.29 -23.38
CA VAL A 212 24.01 -7.64 -24.77
C VAL A 212 23.97 -6.38 -25.66
N TRP A 213 24.49 -6.44 -26.88
CA TRP A 213 24.38 -5.30 -27.78
C TRP A 213 24.32 -5.76 -29.22
N HIS A 214 24.06 -4.84 -30.13
CA HIS A 214 23.71 -5.17 -31.49
C HIS A 214 24.08 -4.02 -32.39
N PHE A 215 24.57 -4.32 -33.58
CA PHE A 215 24.96 -3.23 -34.47
C PHE A 215 24.29 -3.37 -35.83
N ALA A 216 24.36 -2.33 -36.66
CA ALA A 216 23.94 -2.45 -38.04
C ALA A 216 24.70 -1.41 -38.82
N THR A 217 25.28 -1.80 -39.94
CA THR A 217 26.20 -0.91 -40.63
C THR A 217 25.54 -0.20 -41.81
N ASP A 218 26.24 0.80 -42.34
CA ASP A 218 25.82 1.44 -43.58
C ASP A 218 26.17 0.45 -44.69
N THR A 219 26.00 0.88 -45.93
CA THR A 219 26.36 0.05 -47.07
C THR A 219 27.23 0.84 -48.05
N LYS A 220 28.31 0.21 -48.54
CA LYS A 220 29.24 0.90 -49.44
C LYS A 220 29.87 0.00 -50.51
N LYS A 221 31.05 -0.55 -50.23
CA LYS A 221 31.76 -1.43 -51.17
C LYS A 221 32.40 -2.58 -50.43
N GLY A 222 31.90 -2.81 -49.21
CA GLY A 222 32.32 -3.88 -48.31
C GLY A 222 33.77 -3.73 -47.90
N GLN A 223 34.22 -4.49 -46.90
CA GLN A 223 33.40 -5.44 -46.16
C GLN A 223 34.08 -5.67 -44.82
N LYS A 224 33.51 -6.51 -43.96
CA LYS A 224 34.07 -6.72 -42.64
C LYS A 224 34.31 -8.20 -42.32
N PHE A 225 35.37 -8.74 -42.92
CA PHE A 225 35.81 -10.14 -42.78
C PHE A 225 35.92 -10.53 -41.30
N ARG A 226 36.12 -9.55 -40.42
CA ARG A 226 36.49 -9.87 -39.04
C ARG A 226 35.34 -10.40 -38.17
N GLU A 227 34.09 -10.02 -38.47
CA GLU A 227 32.97 -10.51 -37.66
C GLU A 227 31.72 -11.00 -38.40
N ILE A 228 31.49 -10.53 -39.63
CA ILE A 228 30.50 -11.16 -40.53
C ILE A 228 31.20 -12.04 -41.57
N ILE A 229 30.98 -13.36 -41.54
CA ILE A 229 31.70 -14.29 -42.45
C ILE A 229 31.69 -13.84 -43.90
N GLN A 230 32.64 -14.40 -44.65
CA GLN A 230 32.75 -14.23 -46.09
C GLN A 230 31.55 -13.51 -46.68
N PRO A 231 31.70 -12.20 -46.89
CA PRO A 231 30.78 -11.31 -47.61
C PRO A 231 30.06 -11.98 -48.78
N SER A 232 29.52 -13.18 -48.53
CA SER A 232 28.82 -13.99 -49.52
C SER A 232 27.66 -13.21 -50.10
N LYS A 233 26.81 -12.71 -49.21
CA LYS A 233 25.61 -12.00 -49.62
C LYS A 233 25.94 -10.52 -49.81
N SER A 234 27.21 -10.20 -49.61
CA SER A 234 27.74 -8.83 -49.69
C SER A 234 27.31 -7.96 -48.50
N GLN A 235 27.41 -8.56 -47.32
CA GLN A 235 27.18 -7.84 -46.09
C GLN A 235 28.16 -6.69 -46.00
N GLY A 236 27.63 -5.46 -45.88
CA GLY A 236 28.45 -4.27 -45.82
C GLY A 236 28.42 -3.59 -47.17
N ASP A 237 28.07 -4.36 -48.20
CA ASP A 237 28.12 -3.89 -49.59
C ASP A 237 26.71 -3.66 -50.13
N ARG A 238 25.94 -4.74 -50.23
CA ARG A 238 24.59 -4.65 -50.79
C ARG A 238 23.53 -4.35 -49.72
N TYR A 239 23.68 -4.98 -48.58
CA TYR A 239 22.85 -4.65 -47.43
C TYR A 239 23.73 -4.48 -46.18
N SER A 240 23.10 -4.25 -45.05
CA SER A 240 23.76 -3.70 -43.87
C SER A 240 24.63 -4.70 -43.16
N GLY A 241 24.10 -5.88 -42.89
CA GLY A 241 24.88 -6.79 -42.04
C GLY A 241 24.91 -6.26 -40.61
N PHE A 242 24.83 -7.19 -39.66
CA PHE A 242 24.36 -6.80 -38.35
C PHE A 242 24.43 -7.97 -37.40
N SER A 243 24.43 -7.65 -36.12
CA SER A 243 24.49 -8.60 -35.01
C SER A 243 23.94 -10.02 -35.29
N GLY A 244 22.93 -10.12 -36.16
CA GLY A 244 22.22 -11.38 -36.38
C GLY A 244 22.26 -12.00 -37.77
N ASP A 245 23.16 -11.53 -38.61
CA ASP A 245 23.31 -12.06 -39.95
C ASP A 245 23.71 -13.53 -39.87
N ASP A 246 23.28 -14.29 -40.87
CA ASP A 246 23.34 -15.74 -40.81
C ASP A 246 24.62 -16.46 -40.28
N GLY A 247 25.82 -16.19 -40.82
CA GLY A 247 26.12 -15.13 -41.75
C GLY A 247 27.32 -14.43 -41.14
N GLU A 248 27.56 -14.78 -39.87
CA GLU A 248 28.40 -14.05 -38.95
C GLU A 248 28.67 -15.04 -37.82
N GLU A 249 29.82 -15.70 -37.84
CA GLU A 249 29.95 -16.82 -36.90
C GLU A 249 31.21 -16.84 -36.08
N TYR A 250 31.77 -15.67 -35.82
CA TYR A 250 33.01 -15.63 -35.05
C TYR A 250 32.79 -15.44 -33.55
N SER A 251 31.56 -15.11 -33.16
CA SER A 251 31.20 -15.07 -31.76
C SER A 251 30.91 -16.48 -31.31
N ASN A 252 30.98 -16.72 -30.00
CA ASN A 252 30.78 -18.06 -29.44
C ASN A 252 29.33 -18.40 -29.21
N LYS A 253 28.45 -17.84 -30.04
CA LYS A 253 27.00 -17.93 -29.82
C LYS A 253 26.44 -19.36 -29.91
N ASN A 254 27.10 -20.23 -30.67
CA ASN A 254 26.66 -21.63 -30.78
C ASN A 254 27.44 -22.61 -29.90
N LYS A 255 28.60 -22.19 -29.42
CA LYS A 255 29.37 -23.00 -28.49
C LYS A 255 28.55 -23.15 -27.21
N SER A 256 28.83 -24.19 -26.43
CA SER A 256 28.02 -24.50 -25.24
C SER A 256 28.81 -24.29 -23.95
N THR A 257 30.13 -24.21 -24.07
CA THR A 257 30.97 -23.96 -22.91
C THR A 257 31.51 -22.52 -22.93
N LEU A 258 31.70 -21.95 -21.76
CA LEU A 258 32.09 -20.56 -21.74
C LEU A 258 33.56 -20.34 -22.12
N THR A 259 33.78 -19.35 -22.99
CA THR A 259 35.10 -18.99 -23.51
C THR A 259 36.29 -19.22 -22.56
N ASP A 260 36.03 -19.18 -21.25
CA ASP A 260 37.03 -19.26 -20.17
C ASP A 260 37.72 -17.89 -19.96
N GLY A 261 37.36 -16.93 -20.81
CA GLY A 261 37.66 -15.53 -20.55
C GLY A 261 36.35 -14.85 -20.20
N GLN A 262 35.30 -15.66 -20.18
CA GLN A 262 33.98 -15.34 -19.63
C GLN A 262 33.18 -14.24 -20.34
N GLU A 263 32.42 -13.49 -19.54
CA GLU A 263 31.37 -12.56 -19.97
C GLU A 263 30.09 -13.29 -20.38
N GLY A 264 30.13 -14.00 -21.51
CA GLY A 264 28.99 -14.81 -21.89
C GLY A 264 28.95 -15.26 -23.34
N TYR A 265 27.76 -15.31 -23.93
CA TYR A 265 27.60 -15.74 -25.30
C TYR A 265 27.22 -14.55 -26.18
N GLY A 266 27.89 -14.39 -27.30
CA GLY A 266 27.50 -13.37 -28.27
C GLY A 266 28.24 -12.06 -28.08
N PHE A 267 27.71 -11.00 -28.70
CA PHE A 267 28.16 -9.63 -28.42
C PHE A 267 27.51 -9.18 -27.11
N THR A 268 28.33 -8.87 -26.12
CA THR A 268 27.79 -8.53 -24.82
C THR A 268 28.44 -7.26 -24.28
N SER A 269 27.95 -6.79 -23.12
CA SER A 269 28.41 -5.51 -22.55
C SER A 269 28.68 -5.58 -21.05
N ASN A 270 29.62 -4.75 -20.60
CA ASN A 270 30.02 -4.74 -19.19
C ASN A 270 30.12 -3.30 -18.72
N LEU A 271 29.00 -2.81 -18.17
CA LEU A 271 28.92 -1.43 -17.73
C LEU A 271 29.04 -1.32 -16.24
N GLU A 272 29.55 -0.18 -15.80
CA GLU A 272 29.57 0.13 -14.38
C GLU A 272 28.85 1.46 -14.20
N VAL A 273 27.98 1.52 -13.20
CA VAL A 273 27.29 2.77 -12.93
C VAL A 273 27.70 3.37 -11.57
N ASP A 274 28.21 4.60 -11.60
CA ASP A 274 28.61 5.28 -10.38
C ASP A 274 27.48 6.26 -10.00
N PHE A 275 26.59 5.83 -9.13
CA PHE A 275 25.43 6.67 -8.79
C PHE A 275 25.80 7.87 -7.93
N HIS A 276 26.84 7.70 -7.13
CA HIS A 276 27.40 8.76 -6.32
C HIS A 276 27.81 9.94 -7.20
N ASN A 277 28.51 9.66 -8.29
CA ASN A 277 29.07 10.71 -9.14
C ASN A 277 28.23 10.94 -10.37
N LYS A 278 27.13 10.22 -10.46
CA LYS A 278 26.29 10.20 -11.66
C LYS A 278 27.05 9.84 -12.95
N LYS A 279 28.00 8.91 -12.84
CA LYS A 279 28.81 8.55 -13.98
C LYS A 279 28.53 7.11 -14.42
N LEU A 280 28.52 6.90 -15.74
CA LEU A 280 28.45 5.56 -16.33
C LEU A 280 29.62 5.27 -17.28
N THR A 281 30.29 4.14 -17.06
CA THR A 281 31.32 3.64 -17.99
C THR A 281 31.19 2.16 -18.30
N GLY A 282 31.88 1.71 -19.35
CA GLY A 282 32.02 0.27 -19.61
C GLY A 282 32.39 -0.08 -21.02
N LYS A 283 32.29 -1.37 -21.34
CA LYS A 283 32.81 -1.89 -22.61
C LYS A 283 31.82 -2.76 -23.38
N LEU A 284 31.80 -2.59 -24.69
CA LEU A 284 31.06 -3.49 -25.57
C LEU A 284 32.00 -4.53 -26.19
N ILE A 285 32.14 -5.68 -25.54
CA ILE A 285 33.01 -6.74 -26.03
C ILE A 285 32.30 -7.73 -26.97
N ARG A 286 33.08 -8.61 -27.60
CA ARG A 286 32.54 -9.79 -28.25
C ARG A 286 33.21 -11.02 -27.68
N ASN A 287 32.41 -11.95 -27.20
CA ASN A 287 32.96 -13.25 -26.82
C ASN A 287 33.24 -14.07 -28.06
N ASN A 288 34.45 -14.59 -28.14
CA ASN A 288 34.96 -15.15 -29.38
C ASN A 288 34.71 -16.63 -29.54
N ALA A 289 34.36 -17.05 -30.76
CA ALA A 289 34.22 -18.47 -31.05
C ALA A 289 35.51 -19.23 -30.72
N ASN A 290 36.65 -18.70 -31.14
CA ASN A 290 37.93 -19.38 -30.91
C ASN A 290 39.14 -18.45 -30.71
N THR A 291 40.27 -19.06 -30.33
CA THR A 291 41.50 -18.31 -30.03
C THR A 291 42.51 -18.33 -31.19
N ASP A 292 42.03 -18.19 -32.42
CA ASP A 292 42.92 -18.18 -33.57
C ASP A 292 43.61 -16.81 -33.68
N ASN A 293 43.74 -16.31 -34.91
CA ASN A 293 44.40 -15.03 -35.19
C ASN A 293 45.59 -14.72 -34.27
N ASN A 294 45.66 -13.48 -33.83
CA ASN A 294 46.52 -13.12 -32.72
C ASN A 294 45.61 -12.57 -31.64
N GLN A 295 44.51 -13.28 -31.41
CA GLN A 295 43.41 -12.83 -30.56
C GLN A 295 42.50 -14.04 -30.33
N ALA A 296 41.88 -14.21 -29.15
CA ALA A 296 41.72 -13.23 -28.08
C ALA A 296 41.13 -13.89 -26.85
N THR A 297 39.96 -14.51 -27.07
CA THR A 297 38.97 -15.05 -26.09
C THR A 297 37.78 -14.10 -26.02
N THR A 298 38.12 -12.80 -26.10
CA THR A 298 37.23 -11.65 -25.93
C THR A 298 37.86 -10.54 -26.77
N THR A 299 37.06 -9.78 -27.51
CA THR A 299 37.60 -8.68 -28.32
C THR A 299 36.76 -7.40 -28.17
N GLN A 300 37.24 -6.46 -27.36
CA GLN A 300 36.48 -5.25 -27.07
C GLN A 300 36.41 -4.28 -28.25
N TYR A 301 35.21 -3.90 -28.65
CA TYR A 301 35.06 -2.98 -29.77
C TYR A 301 34.76 -1.55 -29.34
N TYR A 302 34.15 -1.38 -28.18
CA TYR A 302 33.74 -0.05 -27.75
C TYR A 302 33.99 0.18 -26.27
N SER A 303 34.43 1.37 -25.93
CA SER A 303 34.25 1.80 -24.56
C SER A 303 33.20 2.88 -24.50
N LEU A 304 32.49 2.87 -23.38
CA LEU A 304 31.35 3.76 -23.12
C LEU A 304 31.55 4.64 -21.92
N GLU A 305 31.44 5.96 -22.12
CA GLU A 305 31.37 6.91 -21.00
C GLU A 305 30.08 7.76 -21.00
N ALA A 306 29.34 7.74 -19.89
CA ALA A 306 28.12 8.55 -19.80
C ALA A 306 27.87 9.20 -18.43
N GLN A 307 27.39 10.44 -18.48
CA GLN A 307 26.92 11.12 -17.26
C GLN A 307 25.41 10.92 -17.07
N VAL A 308 25.03 10.20 -16.01
CA VAL A 308 23.62 10.07 -15.62
C VAL A 308 22.92 11.42 -15.30
N THR A 309 21.75 11.63 -15.89
CA THR A 309 20.99 12.87 -15.67
C THR A 309 19.51 12.55 -15.45
N GLY A 310 19.16 12.17 -14.22
CA GLY A 310 17.79 11.79 -13.94
C GLY A 310 17.65 10.28 -14.00
N ASN A 311 16.87 9.78 -14.96
CA ASN A 311 16.88 8.34 -15.26
C ASN A 311 17.39 8.11 -16.67
N ARG A 312 17.89 9.17 -17.30
CA ARG A 312 18.51 9.16 -18.61
C ARG A 312 20.04 9.26 -18.47
N PHE A 313 20.80 8.64 -19.37
CA PHE A 313 22.22 9.01 -19.49
C PHE A 313 22.57 9.45 -20.88
N ASN A 314 23.52 10.35 -20.98
CA ASN A 314 24.01 10.79 -22.28
C ASN A 314 25.53 10.91 -22.32
N GLY A 315 26.12 10.78 -23.50
CA GLY A 315 27.56 10.87 -23.58
C GLY A 315 28.18 10.37 -24.86
N LYS A 316 29.19 9.53 -24.68
CA LYS A 316 30.11 9.22 -25.77
C LYS A 316 30.52 7.75 -25.83
N ALA A 317 30.58 7.21 -27.04
CA ALA A 317 31.09 5.85 -27.20
C ALA A 317 32.44 5.92 -27.87
N THR A 318 33.44 5.26 -27.28
CA THR A 318 34.78 5.31 -27.91
C THR A 318 35.14 4.02 -28.64
N ALA A 319 35.57 4.17 -29.88
CA ALA A 319 35.98 3.04 -30.70
C ALA A 319 37.38 2.52 -30.30
N THR A 320 37.39 1.37 -29.62
CA THR A 320 38.63 0.71 -29.18
C THR A 320 39.70 0.42 -30.25
N ASP A 321 39.28 -0.19 -31.36
CA ASP A 321 40.23 -0.69 -32.35
C ASP A 321 40.26 0.19 -33.61
N LYS A 322 40.68 1.44 -33.45
CA LYS A 322 40.71 2.36 -34.58
C LYS A 322 41.93 2.13 -35.48
N PRO A 323 41.76 2.39 -36.79
CA PRO A 323 42.91 2.37 -37.69
C PRO A 323 43.88 3.47 -37.26
N GLN A 324 44.88 3.09 -36.47
CA GLN A 324 45.83 4.03 -35.88
C GLN A 324 46.59 4.90 -36.89
N GLN A 325 47.20 4.28 -37.89
CA GLN A 325 48.09 5.01 -38.80
C GLN A 325 47.38 5.73 -39.95
N ASN A 326 46.06 5.55 -40.04
CA ASN A 326 45.25 6.14 -41.13
C ASN A 326 45.64 5.70 -42.55
N SER A 327 46.75 4.96 -42.65
CA SER A 327 47.21 4.39 -43.91
C SER A 327 46.90 2.88 -43.89
N GLU A 328 45.73 2.54 -43.36
CA GLU A 328 45.31 1.16 -43.22
C GLU A 328 43.84 1.09 -42.85
N THR A 329 43.13 0.10 -43.38
CA THR A 329 41.75 -0.13 -42.96
C THR A 329 41.69 -1.38 -42.12
N LYS A 330 40.76 -1.41 -41.17
CA LYS A 330 40.53 -2.55 -40.31
C LYS A 330 39.50 -3.49 -40.96
N GLU A 331 39.40 -4.71 -40.42
CA GLU A 331 38.49 -5.68 -41.02
C GLU A 331 37.11 -5.73 -40.34
N HIS A 332 36.75 -4.61 -39.72
CA HIS A 332 35.48 -4.48 -38.99
C HIS A 332 34.96 -3.04 -39.13
N PRO A 333 33.74 -2.75 -38.64
CA PRO A 333 33.30 -1.37 -38.90
C PRO A 333 33.49 -0.48 -37.66
N PHE A 334 33.80 -1.08 -36.52
CA PHE A 334 33.96 -0.40 -35.23
C PHE A 334 35.23 0.43 -35.07
N VAL A 335 35.30 1.45 -35.92
CA VAL A 335 36.50 2.23 -36.17
C VAL A 335 36.26 3.74 -36.01
N SER A 336 35.18 4.10 -35.34
CA SER A 336 34.82 5.51 -35.17
C SER A 336 34.07 5.75 -33.88
N ASP A 337 34.36 6.87 -33.23
CA ASP A 337 33.75 7.19 -31.96
C ASP A 337 32.37 7.81 -32.14
N SER A 338 31.55 7.70 -31.10
CA SER A 338 30.20 8.26 -31.11
C SER A 338 29.99 9.25 -29.98
N SER A 339 29.60 10.46 -30.35
CA SER A 339 29.24 11.46 -29.34
C SER A 339 27.73 11.52 -29.01
N SER A 340 26.96 10.48 -29.36
CA SER A 340 25.53 10.49 -29.07
C SER A 340 25.04 9.20 -28.45
N LEU A 341 25.76 8.67 -27.46
CA LEU A 341 25.24 7.54 -26.70
C LEU A 341 24.06 8.14 -25.95
N SER A 342 22.89 7.49 -26.01
CA SER A 342 21.70 7.92 -25.24
C SER A 342 21.08 6.71 -24.59
N GLY A 343 20.49 6.88 -23.43
CA GLY A 343 19.86 5.75 -22.75
C GLY A 343 19.01 6.10 -21.52
N GLY A 344 18.50 5.08 -20.83
CA GLY A 344 17.74 5.30 -19.62
C GLY A 344 17.59 4.11 -18.72
N PHE A 345 17.23 4.34 -17.48
CA PHE A 345 17.01 3.24 -16.56
C PHE A 345 15.53 2.97 -16.57
N PHE A 346 15.15 1.76 -16.16
CA PHE A 346 13.77 1.27 -16.28
C PHE A 346 13.67 0.26 -15.15
N GLY A 347 12.47 0.06 -14.63
CA GLY A 347 12.30 -0.77 -13.45
C GLY A 347 12.29 0.09 -12.18
N PRO A 348 11.82 -0.49 -11.06
CA PRO A 348 11.81 0.07 -9.70
C PRO A 348 12.99 0.96 -9.34
N GLN A 349 14.21 0.43 -9.45
CA GLN A 349 15.40 1.16 -9.05
C GLN A 349 16.36 1.47 -10.20
N GLY A 350 15.88 1.41 -11.43
CA GLY A 350 16.76 1.56 -12.57
C GLY A 350 17.73 0.40 -12.64
N GLU A 351 17.26 -0.79 -12.27
CA GLU A 351 18.10 -1.99 -12.30
C GLU A 351 18.17 -2.64 -13.68
N GLU A 352 17.76 -1.91 -14.73
CA GLU A 352 17.92 -2.34 -16.11
C GLU A 352 18.07 -1.10 -16.94
N LEU A 353 18.83 -1.17 -18.03
CA LEU A 353 18.98 0.03 -18.86
C LEU A 353 18.79 -0.27 -20.32
N GLY A 354 18.89 0.74 -21.16
CA GLY A 354 18.68 0.52 -22.57
C GLY A 354 19.37 1.70 -23.18
N PHE A 355 20.06 1.50 -24.29
CA PHE A 355 20.85 2.57 -24.84
C PHE A 355 21.08 2.42 -26.32
N ARG A 356 21.65 3.45 -26.91
CA ARG A 356 21.79 3.43 -28.33
C ARG A 356 22.76 4.53 -28.81
N PHE A 357 23.50 4.27 -29.89
CA PHE A 357 24.31 5.34 -30.50
C PHE A 357 24.51 5.24 -31.99
N LEU A 358 24.92 6.35 -32.56
CA LEU A 358 25.27 6.38 -33.97
C LEU A 358 26.61 7.10 -34.17
N SER A 359 27.60 6.36 -34.65
CA SER A 359 28.97 6.89 -34.81
C SER A 359 29.01 8.07 -35.78
N ASP A 360 29.98 8.96 -35.58
CA ASP A 360 30.00 10.22 -36.32
C ASP A 360 30.43 10.07 -37.78
N ASP A 361 30.96 8.90 -38.14
CA ASP A 361 31.19 8.56 -39.56
C ASP A 361 29.87 8.12 -40.19
N GLN A 362 28.88 7.83 -39.33
CA GLN A 362 27.52 7.48 -39.73
C GLN A 362 27.47 6.10 -40.37
N LYS A 363 28.39 5.24 -39.95
CA LYS A 363 28.58 3.95 -40.56
C LYS A 363 28.02 2.85 -39.68
N VAL A 364 28.18 2.99 -38.36
CA VAL A 364 27.71 1.97 -37.45
C VAL A 364 26.62 2.50 -36.55
N ALA A 365 25.62 1.68 -36.24
CA ALA A 365 24.57 2.03 -35.28
C ALA A 365 24.47 0.93 -34.27
N VAL A 366 24.29 1.28 -32.99
CA VAL A 366 24.28 0.26 -31.95
C VAL A 366 23.09 0.44 -31.03
N VAL A 367 22.57 -0.66 -30.50
CA VAL A 367 21.63 -0.63 -29.39
C VAL A 367 22.02 -1.76 -28.45
N GLY A 368 21.51 -1.73 -27.24
CA GLY A 368 21.82 -2.75 -26.25
C GLY A 368 21.02 -2.57 -24.97
N SER A 369 21.20 -3.47 -24.02
CA SER A 369 20.53 -3.41 -22.74
C SER A 369 21.43 -4.05 -21.67
N ALA A 370 21.19 -3.79 -20.38
CA ALA A 370 22.01 -4.38 -19.33
C ALA A 370 21.24 -4.51 -18.04
N LYS A 371 21.74 -5.34 -17.13
CA LYS A 371 20.94 -5.78 -15.99
C LYS A 371 21.62 -5.62 -14.64
N THR A 372 21.47 -6.65 -13.80
CA THR A 372 22.16 -6.85 -12.54
C THR A 372 21.78 -8.31 -12.27
N LYS A 373 22.33 -8.94 -11.25
CA LYS A 373 22.22 -10.40 -11.07
C LYS A 373 20.82 -11.00 -10.96
N ASP A 374 20.68 -12.04 -10.12
CA ASP A 374 19.35 -12.55 -9.75
C ASP A 374 19.30 -13.45 -8.51
N LYS A 375 20.23 -14.39 -8.42
CA LYS A 375 20.32 -15.32 -7.27
C LYS A 375 18.99 -15.96 -6.87
N LYS A 405 19.83 1.54 -0.27
CA LYS A 405 19.63 2.94 0.11
C LYS A 405 19.24 3.83 -1.07
N LEU A 406 17.93 4.00 -1.30
CA LEU A 406 17.43 4.67 -2.52
C LEU A 406 17.25 6.17 -2.46
N THR A 407 17.10 6.75 -3.65
CA THR A 407 16.85 8.17 -3.82
C THR A 407 15.86 8.32 -4.99
N THR A 408 14.78 9.09 -4.81
CA THR A 408 13.89 9.33 -5.94
C THR A 408 14.35 10.52 -6.77
N VAL A 409 14.22 10.43 -8.08
CA VAL A 409 14.88 11.37 -8.96
C VAL A 409 13.87 12.21 -9.67
N LEU A 410 12.63 11.74 -9.67
CA LEU A 410 11.53 12.52 -10.26
C LEU A 410 10.18 12.25 -9.60
N ASP A 411 9.23 13.15 -9.88
CA ASP A 411 7.85 12.98 -9.42
C ASP A 411 6.93 13.14 -10.62
N ALA A 412 6.10 12.13 -10.86
CA ALA A 412 5.09 12.28 -11.90
C ALA A 412 3.78 11.59 -11.47
N VAL A 413 2.80 12.40 -11.11
CA VAL A 413 1.54 11.86 -10.59
C VAL A 413 0.30 12.34 -11.33
N GLU A 414 -0.70 11.49 -11.32
CA GLU A 414 -1.97 11.82 -11.93
C GLU A 414 -3.05 11.67 -10.87
N LEU A 415 -3.78 12.75 -10.63
CA LEU A 415 -4.79 12.80 -9.59
C LEU A 415 -6.16 12.68 -10.25
N LYS A 416 -6.81 11.53 -10.11
CA LYS A 416 -8.06 11.36 -10.80
C LYS A 416 -9.15 12.17 -10.06
N LEU A 417 -9.85 13.03 -10.78
CA LEU A 417 -10.95 13.79 -10.20
C LEU A 417 -12.19 12.92 -10.14
N GLY A 418 -12.68 12.62 -8.93
CA GLY A 418 -12.03 12.99 -7.68
C GLY A 418 -11.82 11.71 -6.90
N ASP A 419 -10.62 11.15 -7.00
CA ASP A 419 -10.35 9.80 -6.52
C ASP A 419 -9.39 9.73 -5.31
N LYS A 420 -9.51 8.64 -4.56
CA LYS A 420 -8.70 8.39 -3.35
C LYS A 420 -7.28 7.92 -3.65
N LYS A 421 -7.01 7.45 -4.87
CA LYS A 421 -5.71 6.88 -5.19
C LYS A 421 -4.97 7.71 -6.24
N VAL A 422 -3.75 8.11 -5.90
CA VAL A 422 -2.91 8.85 -6.82
C VAL A 422 -2.27 7.86 -7.79
N GLN A 423 -2.24 8.22 -9.06
CA GLN A 423 -1.61 7.35 -10.05
C GLN A 423 -0.22 7.85 -10.37
N LYS A 424 0.66 6.91 -10.75
CA LYS A 424 2.01 7.28 -11.16
C LYS A 424 2.07 7.34 -12.69
N LEU A 425 2.39 8.51 -13.23
CA LEU A 425 2.76 8.62 -14.64
C LEU A 425 4.22 8.22 -14.88
N ASP A 426 4.54 7.77 -16.09
CA ASP A 426 5.93 7.58 -16.48
C ASP A 426 6.55 8.91 -16.92
N ASN A 427 7.83 9.09 -16.66
CA ASN A 427 8.48 10.30 -17.13
C ASN A 427 9.93 10.08 -17.47
N PHE A 428 10.45 10.84 -18.44
CA PHE A 428 11.88 10.78 -18.81
C PHE A 428 12.79 11.87 -18.27
N SER A 429 12.65 12.20 -16.99
CA SER A 429 13.42 13.28 -16.39
C SER A 429 13.33 14.52 -17.26
N ASN A 430 12.16 14.70 -17.83
CA ASN A 430 11.83 15.94 -18.51
C ASN A 430 10.48 16.37 -17.99
N ALA A 431 10.48 17.45 -17.22
CA ALA A 431 9.26 18.00 -16.65
C ALA A 431 8.39 18.60 -17.75
N ALA A 432 9.04 19.14 -18.78
CA ALA A 432 8.33 19.83 -19.86
C ALA A 432 7.71 18.89 -20.88
N GLN A 433 7.74 17.59 -20.59
CA GLN A 433 7.19 16.58 -21.48
C GLN A 433 6.36 15.57 -20.71
N LEU A 434 5.09 15.48 -21.08
CA LEU A 434 4.10 14.73 -20.31
C LEU A 434 3.74 13.41 -20.94
N VAL A 435 3.91 12.34 -20.17
CA VAL A 435 3.86 11.00 -20.71
C VAL A 435 2.65 10.22 -20.21
N VAL A 436 1.61 10.20 -21.03
CA VAL A 436 0.37 9.51 -20.66
C VAL A 436 -0.09 8.51 -21.73
N ASP A 437 -0.38 7.30 -21.31
CA ASP A 437 -0.80 6.25 -22.24
C ASP A 437 0.16 6.16 -23.43
N GLY A 438 1.46 6.04 -23.13
CA GLY A 438 2.48 5.85 -24.13
C GLY A 438 2.63 6.95 -25.17
N ILE A 439 1.90 8.04 -25.02
CA ILE A 439 2.01 9.17 -25.93
C ILE A 439 2.83 10.32 -25.30
N MET A 440 3.48 11.13 -26.14
CA MET A 440 4.39 12.18 -25.68
C MET A 440 3.78 13.52 -25.98
N ILE A 441 3.62 14.35 -24.94
CA ILE A 441 3.02 15.67 -25.10
C ILE A 441 3.93 16.79 -24.63
N PRO A 442 4.36 17.65 -25.57
CA PRO A 442 5.27 18.74 -25.22
C PRO A 442 4.51 19.87 -24.54
N LEU A 443 5.05 20.40 -23.44
CA LEU A 443 4.38 21.49 -22.75
C LEU A 443 4.97 22.85 -23.12
N LEU A 444 5.51 22.96 -24.34
CA LEU A 444 6.03 24.22 -24.85
C LEU A 444 5.68 24.44 -26.33
N PRO A 445 5.75 25.69 -26.79
CA PRO A 445 5.68 26.00 -28.22
C PRO A 445 6.60 25.11 -29.04
N ALA A 464 0.98 35.07 -20.22
CA ALA A 464 1.65 33.89 -20.74
C ALA A 464 1.85 32.86 -19.63
N PHE A 465 1.19 33.10 -18.49
CA PHE A 465 1.47 32.34 -17.26
C PHE A 465 1.14 30.84 -17.31
N THR A 466 -0.08 30.52 -17.72
CA THR A 466 -0.55 29.16 -17.89
C THR A 466 -1.14 29.06 -19.26
N ARG A 467 -0.83 27.98 -19.98
CA ARG A 467 -1.42 27.77 -21.29
C ARG A 467 -2.32 26.53 -21.33
N LYS A 468 -3.30 26.56 -22.22
CA LYS A 468 -4.22 25.46 -22.40
C LYS A 468 -4.29 25.07 -23.87
N PHE A 469 -4.17 23.78 -24.17
CA PHE A 469 -4.08 23.34 -25.55
C PHE A 469 -4.62 21.94 -25.82
N ASP A 470 -4.84 21.64 -27.10
CA ASP A 470 -5.43 20.37 -27.50
C ASP A 470 -4.47 19.59 -28.36
N HIS A 471 -4.11 18.40 -27.90
CA HIS A 471 -3.20 17.53 -28.64
C HIS A 471 -3.90 16.24 -29.01
N THR A 472 -4.01 15.96 -30.31
CA THR A 472 -4.62 14.72 -30.79
C THR A 472 -3.63 13.92 -31.65
N PRO A 473 -3.12 12.81 -31.12
CA PRO A 473 -2.03 12.02 -31.73
C PRO A 473 -2.48 11.14 -32.90
N LYS A 504 -6.42 10.33 -29.01
CA LYS A 504 -7.87 10.45 -29.04
C LYS A 504 -8.35 11.60 -28.16
N THR A 505 -7.79 12.78 -28.41
CA THR A 505 -8.17 14.06 -27.77
C THR A 505 -7.71 14.28 -26.33
N TYR A 506 -6.64 15.06 -26.21
CA TYR A 506 -6.11 15.42 -24.90
C TYR A 506 -6.23 16.94 -24.77
N GLU A 507 -6.86 17.36 -23.68
CA GLU A 507 -6.89 18.77 -23.33
C GLU A 507 -6.10 18.94 -22.07
N VAL A 508 -5.09 19.81 -22.15
CA VAL A 508 -4.22 20.06 -21.02
C VAL A 508 -4.19 21.56 -20.70
N GLU A 509 -4.30 21.91 -19.42
CA GLU A 509 -3.88 23.24 -18.99
C GLU A 509 -2.61 23.13 -18.15
N VAL A 510 -1.57 23.82 -18.56
CA VAL A 510 -0.31 23.63 -17.89
C VAL A 510 0.22 24.89 -17.25
N CYS A 511 0.69 24.75 -16.03
CA CYS A 511 1.35 25.84 -15.36
C CYS A 511 2.69 25.30 -14.91
N CYS A 512 3.70 26.16 -14.78
CA CYS A 512 3.61 27.59 -15.06
C CYS A 512 4.75 28.00 -15.97
N SER A 513 4.66 29.21 -16.51
CA SER A 513 5.69 29.73 -17.39
C SER A 513 6.94 30.11 -16.60
N ASN A 514 6.76 30.51 -15.35
CA ASN A 514 7.90 30.92 -14.54
C ASN A 514 8.65 29.71 -13.92
N LEU A 515 8.23 28.50 -14.27
CA LEU A 515 8.88 27.27 -13.77
C LEU A 515 9.60 26.53 -14.90
N ASN A 516 10.71 25.87 -14.58
CA ASN A 516 11.52 25.19 -15.59
C ASN A 516 11.74 23.70 -15.31
N TYR A 517 11.66 23.33 -14.03
CA TYR A 517 11.96 21.96 -13.61
C TYR A 517 10.74 21.30 -13.00
N LEU A 518 9.63 22.04 -13.00
CA LEU A 518 8.35 21.57 -12.46
C LEU A 518 7.19 22.03 -13.33
N LYS A 519 6.27 21.12 -13.60
CA LYS A 519 5.11 21.48 -14.37
C LYS A 519 3.93 20.73 -13.79
N TYR A 520 2.79 21.41 -13.70
CA TYR A 520 1.58 20.81 -13.14
C TYR A 520 0.31 21.39 -13.74
N GLY A 521 -0.81 20.74 -13.49
CA GLY A 521 -2.05 21.28 -13.98
C GLY A 521 -3.17 20.31 -14.31
N MET A 522 -3.94 20.70 -15.32
CA MET A 522 -5.21 20.02 -15.60
C MET A 522 -5.09 19.13 -16.80
N LEU A 523 -5.48 17.88 -16.62
CA LEU A 523 -5.45 16.91 -17.70
C LEU A 523 -6.82 16.33 -18.01
N THR A 524 -7.40 16.70 -19.14
CA THR A 524 -8.70 16.15 -19.48
C THR A 524 -8.66 15.50 -20.86
N ARG A 525 -9.01 14.22 -20.93
CA ARG A 525 -9.08 13.51 -22.22
C ARG A 525 -10.50 13.12 -22.64
N LYS A 526 -10.78 13.23 -23.94
CA LYS A 526 -12.05 12.79 -24.51
C LYS A 526 -11.91 11.45 -25.24
N ASN A 527 -12.74 11.21 -26.25
CA ASN A 527 -12.66 9.99 -27.04
C ASN A 527 -13.34 10.13 -28.40
N VAL A 548 -15.43 12.00 -21.54
CA VAL A 548 -14.83 13.14 -20.80
C VAL A 548 -14.36 12.83 -19.36
N GLU A 549 -13.09 12.48 -19.25
CA GLU A 549 -12.43 12.15 -17.99
C GLU A 549 -11.54 13.34 -17.55
N GLN A 550 -11.52 13.66 -16.27
CA GLN A 550 -10.78 14.85 -15.80
C GLN A 550 -9.86 14.56 -14.62
N SER A 551 -8.67 15.13 -14.63
CA SER A 551 -7.70 14.80 -13.60
C SER A 551 -6.62 15.88 -13.49
N MET A 552 -5.84 15.80 -12.43
CA MET A 552 -4.72 16.72 -12.31
C MET A 552 -3.40 15.97 -12.33
N PHE A 553 -2.33 16.68 -12.67
CA PHE A 553 -1.00 16.08 -12.75
C PHE A 553 0.03 17.06 -12.21
N LEU A 554 1.15 16.50 -11.76
CA LEU A 554 2.32 17.27 -11.37
C LEU A 554 3.54 16.43 -11.75
N GLN A 555 4.43 17.02 -12.55
CA GLN A 555 5.68 16.38 -12.99
C GLN A 555 6.88 17.24 -12.63
N GLY A 556 7.92 16.62 -12.11
CA GLY A 556 9.08 17.41 -11.73
C GLY A 556 10.35 16.62 -11.59
N GLU A 557 11.45 17.30 -11.91
CA GLU A 557 12.83 16.81 -11.83
C GLU A 557 13.46 17.18 -10.50
N ARG A 558 13.55 16.24 -9.59
CA ARG A 558 14.10 16.52 -8.27
C ARG A 558 15.56 17.02 -8.21
N THR A 559 15.80 17.98 -7.33
CA THR A 559 17.12 18.45 -6.96
C THR A 559 17.85 17.26 -6.36
N ASP A 560 19.15 17.15 -6.64
CA ASP A 560 19.97 16.08 -6.09
C ASP A 560 20.00 16.15 -4.58
N GLU A 561 20.02 14.98 -3.95
CA GLU A 561 19.99 14.85 -2.50
C GLU A 561 21.13 15.61 -1.83
N LYS A 562 22.23 15.73 -2.58
CA LYS A 562 23.44 16.39 -2.09
C LYS A 562 23.35 17.89 -2.31
N GLU A 563 22.35 18.30 -3.08
CA GLU A 563 22.21 19.68 -3.50
C GLU A 563 21.13 20.47 -2.76
N ILE A 564 20.43 19.84 -1.82
CA ILE A 564 19.42 20.58 -1.09
C ILE A 564 20.11 21.42 -0.04
N PRO A 565 19.87 22.73 -0.07
CA PRO A 565 20.56 23.73 0.76
C PRO A 565 20.36 23.47 2.24
N SER A 566 21.11 24.19 3.09
CA SER A 566 21.01 23.97 4.53
C SER A 566 20.63 25.26 5.25
N GLU A 567 20.32 26.29 4.48
CA GLU A 567 20.02 27.60 5.02
C GLU A 567 18.58 27.72 5.46
N GLN A 568 18.39 28.19 6.69
CA GLN A 568 17.08 28.37 7.29
C GLN A 568 16.23 29.36 6.51
N ASN A 569 14.91 29.29 6.70
CA ASN A 569 13.97 30.31 6.18
C ASN A 569 14.14 30.65 4.69
N ILE A 570 13.56 29.83 3.83
CA ILE A 570 13.52 30.16 2.41
C ILE A 570 12.08 30.22 1.91
N VAL A 571 11.75 31.27 1.16
CA VAL A 571 10.37 31.57 0.86
C VAL A 571 10.04 31.27 -0.59
N TYR A 572 8.94 30.53 -0.81
CA TYR A 572 8.46 30.17 -2.15
C TYR A 572 7.05 30.66 -2.41
N ARG A 573 6.86 31.28 -3.57
CA ARG A 573 5.56 31.76 -3.97
C ARG A 573 5.12 31.12 -5.28
N GLY A 574 3.87 30.69 -5.29
CA GLY A 574 3.31 30.04 -6.47
C GLY A 574 1.79 29.96 -6.37
N SER A 575 1.26 28.90 -6.99
CA SER A 575 -0.17 28.78 -7.24
C SER A 575 -0.60 27.31 -7.20
N TRP A 576 -1.86 27.07 -7.55
CA TRP A 576 -2.41 25.74 -7.38
C TRP A 576 -3.65 25.50 -8.19
N TYR A 577 -3.94 24.22 -8.39
CA TYR A 577 -5.22 23.82 -8.96
C TYR A 577 -5.88 23.02 -7.85
N GLY A 578 -7.18 23.25 -7.70
CA GLY A 578 -7.92 22.65 -6.61
C GLY A 578 -9.29 22.15 -7.01
N TYR A 579 -9.73 21.15 -6.28
CA TYR A 579 -11.09 20.67 -6.42
C TYR A 579 -11.52 20.25 -5.05
N ILE A 580 -12.62 20.83 -4.61
CA ILE A 580 -13.14 20.60 -3.27
C ILE A 580 -14.64 20.47 -3.32
N ALA A 581 -15.14 19.30 -2.93
CA ALA A 581 -16.58 19.07 -2.90
C ALA A 581 -17.07 18.69 -1.51
N ASN A 582 -18.36 18.92 -1.26
CA ASN A 582 -19.05 18.08 -0.30
C ASN A 582 -20.00 17.20 -1.11
N ASP A 583 -20.11 15.93 -0.72
CA ASP A 583 -20.90 14.98 -1.50
C ASP A 583 -22.40 15.22 -1.32
N LYS A 584 -22.76 15.89 -0.22
CA LYS A 584 -24.15 16.25 0.04
C LYS A 584 -24.52 17.54 -0.68
N SER A 585 -23.52 18.41 -0.85
CA SER A 585 -23.74 19.80 -1.23
C SER A 585 -23.36 20.14 -2.67
N THR A 586 -22.30 20.92 -2.78
CA THR A 586 -21.81 21.47 -4.05
C THR A 586 -20.27 21.32 -4.11
N SER A 587 -19.65 21.85 -5.15
CA SER A 587 -18.21 21.75 -5.27
C SER A 587 -17.57 23.04 -5.75
N TRP A 588 -16.32 23.23 -5.30
CA TRP A 588 -15.50 24.37 -5.67
C TRP A 588 -14.22 23.87 -6.34
N SER A 589 -13.89 24.48 -7.47
CA SER A 589 -12.66 24.15 -8.17
C SER A 589 -12.02 25.45 -8.66
N GLY A 590 -10.73 25.64 -8.35
CA GLY A 590 -9.98 26.80 -8.81
C GLY A 590 -8.72 26.45 -9.61
N ASN A 591 -8.49 27.24 -10.65
CA ASN A 591 -7.30 27.16 -11.49
C ASN A 591 -6.12 27.98 -10.96
N ALA A 592 -4.91 27.58 -11.37
CA ALA A 592 -3.69 28.30 -11.02
C ALA A 592 -3.62 29.71 -11.61
N SER A 593 -2.96 30.61 -10.89
CA SER A 593 -3.02 32.02 -11.23
C SER A 593 -1.75 32.76 -10.82
N ASN A 594 -1.43 33.81 -11.57
CA ASN A 594 -0.46 34.79 -11.12
C ASN A 594 -1.15 36.11 -10.78
N ALA A 595 -2.49 36.10 -10.78
CA ALA A 595 -3.27 37.28 -10.39
C ALA A 595 -3.13 37.52 -8.89
N THR A 596 -3.15 38.78 -8.48
CA THR A 596 -2.94 39.06 -7.07
C THR A 596 -4.02 38.39 -6.23
N SER A 597 -5.25 38.44 -6.73
CA SER A 597 -6.40 37.82 -6.06
C SER A 597 -6.63 36.31 -6.37
N GLY A 598 -6.09 35.81 -7.49
CA GLY A 598 -6.34 34.44 -7.93
C GLY A 598 -5.82 33.37 -6.99
N ASN A 599 -5.98 32.09 -7.37
CA ASN A 599 -5.35 31.03 -6.59
C ASN A 599 -3.90 31.36 -6.31
N ARG A 600 -3.43 31.00 -5.12
CA ARG A 600 -2.08 31.38 -4.72
C ARG A 600 -1.59 30.56 -3.52
N ALA A 601 -0.27 30.36 -3.49
CA ALA A 601 0.38 29.53 -2.50
C ALA A 601 1.60 30.28 -2.01
N GLU A 602 2.09 29.88 -0.86
CA GLU A 602 3.24 30.52 -0.26
C GLU A 602 3.82 29.48 0.66
N PHE A 603 5.15 29.39 0.71
CA PHE A 603 5.75 28.46 1.63
C PHE A 603 6.93 29.07 2.30
N THR A 604 7.24 28.56 3.47
CA THR A 604 8.41 28.97 4.21
C THR A 604 9.08 27.67 4.53
N VAL A 605 10.21 27.41 3.90
CA VAL A 605 10.92 26.19 4.25
C VAL A 605 12.22 26.44 5.01
N ASN A 606 12.45 25.57 5.98
CA ASN A 606 13.60 25.63 6.84
C ASN A 606 14.36 24.30 6.70
N PHE A 607 15.41 24.28 5.89
CA PHE A 607 16.35 23.15 5.93
C PHE A 607 17.20 23.26 7.18
N ALA A 608 17.82 22.14 7.56
CA ALA A 608 18.50 21.99 8.86
C ALA A 608 17.51 21.72 10.01
N ASP A 609 16.48 22.56 10.12
CA ASP A 609 15.34 22.25 10.99
C ASP A 609 14.48 21.20 10.27
N LYS A 610 14.64 21.15 8.95
CA LYS A 610 13.96 20.18 8.09
C LYS A 610 12.46 20.28 8.19
N LYS A 611 11.95 21.51 8.01
CA LYS A 611 10.53 21.77 8.14
C LYS A 611 10.02 22.53 6.93
N ILE A 612 8.77 22.28 6.58
CA ILE A 612 8.11 23.10 5.59
C ILE A 612 6.74 23.55 6.11
N THR A 613 6.43 24.82 5.83
CA THR A 613 5.22 25.47 6.29
C THR A 613 4.72 26.24 5.10
N GLY A 614 3.42 26.23 4.89
CA GLY A 614 2.90 27.03 3.82
C GLY A 614 1.41 27.09 3.84
N THR A 615 0.88 27.78 2.84
CA THR A 615 -0.50 28.12 2.80
C THR A 615 -1.00 28.02 1.37
N LEU A 616 -2.20 27.46 1.21
CA LEU A 616 -2.89 27.49 -0.07
C LEU A 616 -4.16 28.30 0.13
N THR A 617 -4.38 29.26 -0.76
CA THR A 617 -5.45 30.22 -0.59
C THR A 617 -6.29 30.40 -1.84
N ALA A 618 -7.56 30.02 -1.74
CA ALA A 618 -8.47 30.01 -2.88
C ALA A 618 -8.67 31.38 -3.51
N ASP A 619 -9.00 31.39 -4.80
CA ASP A 619 -9.29 32.63 -5.52
C ASP A 619 -10.36 33.48 -4.83
N ASN A 620 -10.11 34.79 -4.76
CA ASN A 620 -11.04 35.72 -4.15
C ASN A 620 -11.46 35.39 -2.71
N ARG A 621 -10.61 34.69 -1.97
CA ARG A 621 -10.80 34.55 -0.54
C ARG A 621 -9.69 35.33 0.11
N GLN A 622 -9.78 35.48 1.43
CA GLN A 622 -8.81 36.22 2.22
C GLN A 622 -8.13 35.24 3.19
N GLU A 623 -8.94 34.41 3.85
CA GLU A 623 -8.45 33.41 4.80
C GLU A 623 -7.68 32.31 4.02
N ALA A 624 -6.78 31.61 4.71
CA ALA A 624 -6.12 30.47 4.07
C ALA A 624 -7.11 29.32 3.96
N THR A 625 -7.24 28.81 2.74
CA THR A 625 -8.07 27.65 2.45
C THR A 625 -7.44 26.37 3.01
N PHE A 626 -6.13 26.25 2.85
CA PHE A 626 -5.40 25.12 3.37
C PHE A 626 -4.18 25.59 4.10
N THR A 627 -3.93 24.98 5.24
CA THR A 627 -2.65 25.17 5.88
C THR A 627 -1.85 23.88 5.74
N ILE A 628 -0.56 24.03 5.47
CA ILE A 628 0.30 22.89 5.11
C ILE A 628 1.51 22.78 6.00
N ASP A 629 1.69 21.59 6.57
CA ASP A 629 2.73 21.36 7.56
C ASP A 629 3.31 19.96 7.47
N GLY A 630 4.59 19.91 7.17
CA GLY A 630 5.24 18.64 7.02
C GLY A 630 6.75 18.71 7.16
N ASN A 631 7.35 17.60 6.78
CA ASN A 631 8.74 17.34 7.07
C ASN A 631 9.54 17.06 5.79
N ILE A 632 10.71 17.68 5.72
CA ILE A 632 11.60 17.48 4.61
C ILE A 632 12.39 16.22 4.83
N LYS A 633 12.40 15.37 3.80
CA LYS A 633 13.22 14.17 3.79
C LYS A 633 13.94 14.07 2.46
N ASP A 634 15.27 14.11 2.52
CA ASP A 634 16.11 14.08 1.33
C ASP A 634 15.77 15.23 0.39
N ASN A 635 15.20 14.93 -0.78
CA ASN A 635 14.79 15.99 -1.69
C ASN A 635 13.27 16.14 -1.79
N GLY A 636 12.58 15.49 -0.85
CA GLY A 636 11.14 15.53 -0.85
C GLY A 636 10.56 16.05 0.44
N PHE A 637 9.24 16.08 0.51
CA PHE A 637 8.59 16.38 1.77
C PHE A 637 7.29 15.63 1.88
N GLU A 638 6.94 15.30 3.12
CA GLU A 638 5.74 14.57 3.42
C GLU A 638 5.08 15.27 4.60
N GLY A 639 3.76 15.48 4.54
CA GLY A 639 3.06 16.13 5.63
C GLY A 639 1.54 16.08 5.64
N THR A 640 0.92 16.98 6.41
CA THR A 640 -0.54 17.05 6.50
C THR A 640 -1.08 18.32 5.82
N ALA A 641 -2.36 18.30 5.48
CA ALA A 641 -3.02 19.47 4.92
C ALA A 641 -4.46 19.57 5.41
N LYS A 642 -4.81 20.71 6.00
CA LYS A 642 -6.11 20.87 6.64
C LYS A 642 -6.73 22.21 6.26
N THR A 643 -8.06 22.21 6.10
CA THR A 643 -8.84 23.43 5.92
C THR A 643 -8.89 24.18 7.24
N ALA A 644 -9.41 25.40 7.22
CA ALA A 644 -9.68 26.14 8.48
C ALA A 644 -10.51 25.28 9.43
N GLU A 645 -10.29 25.40 10.74
CA GLU A 645 -11.07 24.59 11.68
C GLU A 645 -12.57 24.86 11.59
N SER A 646 -12.92 26.08 11.15
CA SER A 646 -14.30 26.47 10.86
C SER A 646 -14.80 25.94 9.51
N GLY A 647 -13.98 25.14 8.82
CA GLY A 647 -14.34 24.57 7.53
C GLY A 647 -14.06 25.43 6.31
N PHE A 648 -14.15 24.80 5.15
CA PHE A 648 -14.08 25.56 3.91
C PHE A 648 -15.52 25.81 3.49
N ASP A 649 -15.68 26.66 2.50
CA ASP A 649 -16.97 27.22 2.24
C ASP A 649 -16.99 27.72 0.82
N LEU A 650 -17.99 27.19 0.12
CA LEU A 650 -17.83 26.55 -1.15
C LEU A 650 -18.32 27.54 -2.16
N ASP A 651 -19.33 28.28 -1.73
CA ASP A 651 -19.95 29.32 -2.53
C ASP A 651 -20.24 30.49 -1.61
N GLN A 652 -19.34 31.47 -1.58
CA GLN A 652 -19.43 32.57 -0.61
C GLN A 652 -20.72 33.39 -0.69
N SER A 653 -21.25 33.59 -1.89
CA SER A 653 -22.48 34.35 -2.09
C SER A 653 -23.64 33.75 -1.30
N ASN A 654 -23.61 32.43 -1.11
CA ASN A 654 -24.57 31.76 -0.24
C ASN A 654 -24.33 32.13 1.22
N THR A 655 -25.28 32.88 1.76
CA THR A 655 -25.17 33.44 3.10
C THR A 655 -26.03 32.69 4.10
N THR A 656 -26.08 31.37 3.97
CA THR A 656 -26.88 30.56 4.87
C THR A 656 -26.10 29.32 5.32
N ARG A 657 -26.76 28.52 6.16
CA ARG A 657 -26.20 27.27 6.65
C ARG A 657 -26.28 26.19 5.58
N THR A 658 -25.24 26.05 4.74
CA THR A 658 -25.27 25.01 3.71
C THR A 658 -24.08 24.06 3.61
N PRO A 659 -22.94 24.53 3.07
CA PRO A 659 -22.04 23.65 2.31
C PRO A 659 -21.47 22.38 2.99
N LYS A 660 -20.16 22.16 3.13
CA LYS A 660 -19.23 22.90 3.94
C LYS A 660 -18.04 21.94 4.06
N ALA A 661 -17.05 22.17 3.21
CA ALA A 661 -15.91 21.27 3.08
C ALA A 661 -15.03 21.22 4.31
N TYR A 662 -15.00 20.06 4.98
CA TYR A 662 -14.13 19.84 6.13
C TYR A 662 -13.02 18.84 5.82
N ILE A 663 -11.84 19.36 5.44
CA ILE A 663 -10.66 18.53 5.21
C ILE A 663 -9.77 18.47 6.45
N THR A 664 -9.87 17.39 7.21
CA THR A 664 -8.91 17.14 8.30
C THR A 664 -7.53 16.74 7.73
N ASP A 665 -6.93 15.68 8.27
CA ASP A 665 -5.55 15.33 7.90
C ASP A 665 -5.35 14.74 6.49
N ALA A 666 -5.34 15.60 5.48
CA ALA A 666 -5.05 15.17 4.13
C ALA A 666 -3.55 14.90 4.01
N LYS A 667 -3.19 13.78 3.37
CA LYS A 667 -1.80 13.42 3.18
C LYS A 667 -1.19 14.11 1.98
N VAL A 668 -0.24 15.00 2.23
CA VAL A 668 0.41 15.72 1.15
C VAL A 668 1.82 15.20 0.95
N GLN A 669 2.23 15.11 -0.31
CA GLN A 669 3.53 14.60 -0.69
C GLN A 669 4.10 15.63 -1.64
N GLY A 670 5.41 15.80 -1.60
CA GLY A 670 6.04 16.75 -2.47
C GLY A 670 7.52 16.48 -2.60
N GLY A 671 8.20 17.31 -3.38
CA GLY A 671 9.63 17.24 -3.48
C GLY A 671 10.15 18.59 -3.91
N PHE A 672 11.46 18.77 -3.86
CA PHE A 672 12.04 20.01 -4.38
C PHE A 672 12.66 19.70 -5.74
N TYR A 673 12.70 20.70 -6.62
CA TYR A 673 13.02 20.44 -8.03
C TYR A 673 14.09 21.32 -8.64
N GLY A 674 15.10 20.68 -9.21
CA GLY A 674 16.11 21.34 -10.02
C GLY A 674 17.04 22.35 -9.37
N PRO A 675 18.10 22.69 -10.09
CA PRO A 675 19.50 22.73 -9.66
C PRO A 675 19.68 22.71 -8.16
N LYS A 676 19.36 23.81 -7.47
CA LYS A 676 19.53 23.89 -6.03
C LYS A 676 18.20 24.22 -5.34
N ALA A 677 17.23 23.31 -5.54
CA ALA A 677 15.89 23.39 -4.97
C ALA A 677 15.17 24.73 -5.21
N GLU A 678 15.27 25.26 -6.42
CA GLU A 678 14.67 26.56 -6.75
C GLU A 678 13.16 26.48 -6.95
N GLU A 679 12.61 25.26 -6.93
CA GLU A 679 11.19 25.04 -7.13
C GLU A 679 10.74 23.88 -6.27
N LEU A 680 9.51 23.93 -5.77
CA LEU A 680 8.93 22.83 -5.01
C LEU A 680 7.48 22.60 -5.47
N GLY A 681 6.93 21.44 -5.15
CA GLY A 681 5.63 21.08 -5.65
C GLY A 681 5.05 19.98 -4.81
N GLY A 682 3.73 19.91 -4.76
CA GLY A 682 3.07 18.87 -4.02
C GLY A 682 1.69 18.56 -4.52
N TRP A 683 1.14 17.49 -4.00
CA TRP A 683 -0.17 17.07 -4.44
C TRP A 683 -0.72 16.36 -3.24
N PHE A 684 -2.05 16.37 -3.15
CA PHE A 684 -2.74 15.53 -2.19
C PHE A 684 -4.18 15.26 -2.61
N ALA A 685 -4.75 14.21 -2.04
CA ALA A 685 -6.05 13.71 -2.44
C ALA A 685 -6.68 13.26 -1.16
N TYR A 686 -7.88 13.76 -0.91
CA TYR A 686 -8.59 13.42 0.30
C TYR A 686 -10.01 12.99 -0.02
N PRO A 687 -10.46 11.88 0.60
CA PRO A 687 -9.61 11.09 1.49
C PRO A 687 -8.79 10.06 0.71
N GLY A 688 -7.63 9.66 1.26
CA GLY A 688 -6.77 8.68 0.61
C GLY A 688 -6.97 7.29 1.16
N ASP A 689 -6.34 6.30 0.52
CA ASP A 689 -6.51 4.90 0.90
C ASP A 689 -5.91 4.59 2.27
N SER A 699 -16.52 7.62 6.78
CA SER A 699 -17.87 8.10 7.05
C SER A 699 -17.95 9.65 7.12
N GLY A 700 -17.47 10.29 6.05
CA GLY A 700 -17.55 11.74 5.88
C GLY A 700 -17.81 12.07 4.42
N ASN A 701 -18.12 13.34 4.12
CA ASN A 701 -18.48 13.73 2.74
C ASN A 701 -17.62 14.81 2.14
N SER A 702 -16.51 15.11 2.79
CA SER A 702 -15.59 16.10 2.25
C SER A 702 -14.65 15.43 1.24
N SER A 703 -14.25 16.19 0.24
CA SER A 703 -13.45 15.66 -0.83
C SER A 703 -12.56 16.77 -1.33
N ALA A 704 -11.31 16.38 -1.61
CA ALA A 704 -10.30 17.30 -2.12
C ALA A 704 -9.23 16.59 -3.00
N THR A 705 -8.81 17.30 -4.03
CA THR A 705 -7.75 16.84 -4.89
C THR A 705 -7.02 18.12 -5.28
N VAL A 706 -5.74 18.23 -4.92
CA VAL A 706 -4.97 19.41 -5.35
C VAL A 706 -3.53 19.12 -5.70
N VAL A 707 -3.02 19.89 -6.67
CA VAL A 707 -1.60 20.00 -6.94
C VAL A 707 -1.21 21.48 -6.89
N PHE A 708 -0.04 21.77 -6.33
CA PHE A 708 0.51 23.12 -6.29
C PHE A 708 2.00 23.12 -6.63
N GLY A 709 2.46 24.13 -7.37
CA GLY A 709 3.88 24.44 -7.44
C GLY A 709 4.25 25.85 -6.98
N ALA A 710 5.48 26.01 -6.49
CA ALA A 710 5.98 27.32 -6.03
C ALA A 710 7.42 27.52 -6.46
N LYS A 711 7.82 28.78 -6.63
CA LYS A 711 9.20 29.11 -7.00
C LYS A 711 9.90 29.94 -5.92
N ARG A 712 11.19 29.68 -5.71
CA ARG A 712 11.96 30.35 -4.67
C ARG A 712 12.12 31.85 -4.95
N GLN A 713 11.82 32.66 -3.94
CA GLN A 713 11.92 34.13 -4.05
C GLN A 713 13.23 34.64 -3.45
N GLN B 63 -9.40 -0.44 16.37
CA GLN B 63 -10.32 -1.01 15.37
C GLN B 63 -11.59 -1.57 16.00
N GLY B 64 -11.42 -2.56 16.88
CA GLY B 64 -12.56 -3.24 17.48
C GLY B 64 -13.03 -4.38 16.60
N GLY B 65 -13.69 -5.36 17.21
CA GLY B 65 -14.31 -6.43 16.47
C GLY B 65 -14.31 -7.77 17.20
N TYR B 66 -15.18 -8.68 16.75
CA TYR B 66 -15.34 -9.98 17.38
C TYR B 66 -14.38 -11.00 16.79
N GLY B 67 -13.90 -10.69 15.60
CA GLY B 67 -13.13 -11.65 14.87
C GLY B 67 -12.92 -11.16 13.46
N PHE B 68 -11.93 -11.72 12.80
CA PHE B 68 -11.57 -11.29 11.45
C PHE B 68 -11.09 -12.48 10.63
N ALA B 69 -11.31 -12.37 9.33
CA ALA B 69 -11.03 -13.46 8.43
C ALA B 69 -10.54 -12.87 7.14
N MET B 70 -9.73 -13.66 6.41
CA MET B 70 -9.24 -13.21 5.12
C MET B 70 -9.39 -14.29 4.06
N ARG B 71 -9.68 -13.84 2.85
CA ARG B 71 -10.00 -14.70 1.73
C ARG B 71 -8.71 -15.15 1.09
N LEU B 72 -8.61 -16.44 0.75
CA LEU B 72 -7.48 -16.92 -0.05
C LEU B 72 -7.57 -16.31 -1.43
N LYS B 73 -6.42 -15.91 -1.97
CA LYS B 73 -6.36 -15.40 -3.34
C LYS B 73 -6.15 -16.54 -4.37
N ARG B 74 -6.50 -16.25 -5.62
CA ARG B 74 -6.25 -17.17 -6.73
C ARG B 74 -5.93 -16.37 -7.99
N ARG B 75 -4.71 -16.53 -8.49
CA ARG B 75 -4.25 -15.69 -9.59
C ARG B 75 -4.78 -16.20 -10.93
N ASN B 76 -5.13 -15.26 -11.81
CA ASN B 76 -5.31 -15.59 -13.21
C ASN B 76 -3.93 -15.85 -13.83
N TRP B 77 -3.56 -17.12 -13.88
CA TRP B 77 -2.24 -17.50 -14.36
C TRP B 77 -2.17 -17.49 -15.87
N TYR B 78 -3.28 -17.13 -16.51
CA TYR B 78 -3.27 -17.04 -17.95
C TYR B 78 -2.31 -15.93 -18.31
N PRO B 79 -1.45 -16.16 -19.33
CA PRO B 79 -0.50 -15.13 -19.75
C PRO B 79 -1.24 -14.01 -20.46
N GLN B 80 -0.63 -13.37 -21.45
CA GLN B 80 -1.27 -12.26 -22.15
C GLN B 80 -1.85 -11.20 -21.20
N ALA B 81 -2.88 -11.61 -20.45
CA ALA B 81 -3.49 -10.78 -19.41
C ALA B 81 -2.45 -10.31 -18.42
N LYS B 82 -1.53 -11.20 -18.07
CA LYS B 82 -0.40 -10.86 -17.20
C LYS B 82 -0.83 -10.30 -15.85
N GLU B 83 -1.47 -11.13 -15.04
CA GLU B 83 -1.80 -10.69 -13.71
C GLU B 83 -0.50 -10.64 -12.94
N ASP B 84 0.24 -11.74 -12.97
CA ASP B 84 1.59 -11.81 -12.41
C ASP B 84 1.69 -11.59 -10.88
N GLU B 85 0.79 -10.77 -10.33
CA GLU B 85 0.85 -10.41 -8.92
C GLU B 85 -0.52 -10.02 -8.38
N VAL B 86 -0.95 -10.73 -7.35
CA VAL B 86 -2.14 -10.36 -6.58
C VAL B 86 -1.69 -10.23 -5.13
N LYS B 87 -1.55 -8.99 -4.67
CA LYS B 87 -1.13 -8.74 -3.30
C LYS B 87 -2.33 -8.83 -2.37
N LEU B 88 -2.06 -9.09 -1.09
CA LEU B 88 -3.10 -8.96 -0.06
C LEU B 88 -3.42 -7.47 0.26
N ASP B 89 -4.33 -7.21 1.19
CA ASP B 89 -4.68 -5.82 1.49
C ASP B 89 -5.38 -5.68 2.83
N GLU B 90 -5.19 -4.54 3.50
CA GLU B 90 -5.95 -4.27 4.72
C GLU B 90 -7.46 -4.34 4.40
N SER B 91 -7.85 -3.72 3.28
CA SER B 91 -9.18 -3.82 2.70
C SER B 91 -9.81 -5.22 2.64
N ASP B 92 -8.99 -6.26 2.69
CA ASP B 92 -9.51 -7.62 2.52
C ASP B 92 -9.89 -8.28 3.83
N TRP B 93 -9.48 -7.70 4.95
CA TRP B 93 -9.92 -8.24 6.24
C TRP B 93 -11.45 -8.10 6.32
N GLU B 94 -12.13 -9.15 6.76
CA GLU B 94 -13.59 -9.16 6.86
C GLU B 94 -14.01 -9.43 8.29
N ALA B 95 -15.09 -8.80 8.75
CA ALA B 95 -15.56 -9.03 10.12
C ALA B 95 -16.26 -10.36 10.23
N THR B 96 -16.05 -11.07 11.34
CA THR B 96 -16.71 -12.38 11.48
C THR B 96 -18.11 -12.28 12.09
N GLY B 97 -18.34 -11.25 12.90
CA GLY B 97 -19.52 -11.19 13.75
C GLY B 97 -19.36 -12.08 14.99
N LEU B 98 -20.22 -11.91 15.97
CA LEU B 98 -20.13 -12.69 17.19
C LEU B 98 -20.31 -14.16 16.88
N PRO B 99 -19.43 -15.00 17.39
CA PRO B 99 -19.76 -16.41 17.21
C PRO B 99 -20.61 -16.89 18.36
N ASP B 100 -21.63 -17.69 18.03
CA ASP B 100 -22.44 -18.35 19.05
C ASP B 100 -21.66 -19.52 19.67
N GLU B 101 -21.03 -20.35 18.82
CA GLU B 101 -20.09 -21.36 19.29
C GLU B 101 -18.76 -21.12 18.59
N PRO B 102 -17.72 -20.81 19.38
CA PRO B 102 -16.49 -20.33 18.76
C PRO B 102 -15.71 -21.46 18.06
N LYS B 103 -16.06 -22.72 18.36
CA LYS B 103 -15.51 -23.89 17.67
C LYS B 103 -15.99 -23.97 16.22
N GLU B 104 -17.16 -23.42 15.97
CA GLU B 104 -17.72 -23.44 14.64
C GLU B 104 -17.05 -22.42 13.76
N LEU B 105 -17.22 -22.58 12.46
CA LEU B 105 -16.68 -21.66 11.47
C LEU B 105 -17.41 -20.29 11.50
N PRO B 106 -16.71 -19.25 11.04
CA PRO B 106 -17.34 -17.95 10.79
C PRO B 106 -18.50 -18.15 9.85
N LYS B 107 -19.69 -17.87 10.36
CA LYS B 107 -20.92 -18.17 9.66
C LYS B 107 -21.05 -17.41 8.35
N ARG B 108 -20.62 -16.16 8.34
CA ARG B 108 -20.85 -15.33 7.16
C ARG B 108 -20.02 -15.83 6.00
N GLN B 109 -18.75 -16.15 6.30
CA GLN B 109 -17.81 -16.54 5.25
C GLN B 109 -17.75 -18.06 4.96
N LYS B 110 -18.17 -18.89 5.92
CA LYS B 110 -18.36 -20.29 5.59
C LYS B 110 -19.47 -20.45 4.54
N SER B 111 -20.34 -19.47 4.45
CA SER B 111 -21.41 -19.55 3.48
C SER B 111 -20.95 -19.12 2.11
N VAL B 112 -19.91 -18.29 2.07
CA VAL B 112 -19.43 -17.82 0.78
C VAL B 112 -18.78 -19.01 0.07
N ILE B 113 -18.15 -19.86 0.87
CA ILE B 113 -17.46 -21.07 0.41
C ILE B 113 -18.40 -22.18 -0.08
N GLU B 114 -19.46 -22.43 0.67
CA GLU B 114 -20.43 -23.43 0.29
C GLU B 114 -21.00 -23.12 -1.09
N LYS B 115 -21.16 -21.83 -1.38
CA LYS B 115 -21.63 -21.35 -2.69
C LYS B 115 -20.55 -21.46 -3.79
N VAL B 116 -19.52 -22.24 -3.53
CA VAL B 116 -18.44 -22.37 -4.50
C VAL B 116 -18.07 -23.80 -4.82
N GLU B 117 -17.78 -24.12 -6.07
CA GLU B 117 -18.74 -24.35 -7.15
C GLU B 117 -18.08 -25.19 -8.27
N THR B 118 -17.38 -26.29 -7.97
CA THR B 118 -17.01 -26.81 -6.64
C THR B 118 -15.72 -27.59 -6.76
N ASP B 119 -15.41 -28.20 -7.91
CA ASP B 119 -16.23 -29.20 -8.56
C ASP B 119 -15.60 -30.48 -7.99
N SER B 120 -15.66 -31.60 -8.71
CA SER B 120 -15.16 -32.89 -8.20
C SER B 120 -15.42 -33.14 -6.70
N ASP B 121 -14.57 -32.56 -5.86
CA ASP B 121 -14.68 -32.67 -4.40
C ASP B 121 -15.44 -31.49 -3.82
N ASN B 122 -16.21 -31.75 -2.78
CA ASN B 122 -17.07 -30.73 -2.23
C ASN B 122 -17.00 -30.65 -0.70
N ASN B 123 -16.11 -31.44 -0.10
CA ASN B 123 -15.92 -31.38 1.34
C ASN B 123 -15.19 -30.13 1.80
N ILE B 124 -15.55 -29.64 2.98
CA ILE B 124 -14.92 -28.45 3.58
C ILE B 124 -13.96 -28.91 4.66
N TYR B 125 -12.68 -28.62 4.45
CA TYR B 125 -11.66 -29.05 5.38
C TYR B 125 -11.32 -27.87 6.29
N SER B 126 -11.09 -28.15 7.56
CA SER B 126 -10.85 -27.08 8.50
C SER B 126 -9.82 -27.56 9.50
N SER B 127 -9.30 -26.64 10.31
CA SER B 127 -8.28 -26.99 11.28
C SER B 127 -8.81 -28.10 12.21
N PRO B 128 -7.92 -29.01 12.65
CA PRO B 128 -8.29 -30.17 13.46
C PRO B 128 -9.21 -29.87 14.65
N TYR B 129 -8.85 -28.91 15.50
CA TYR B 129 -9.59 -28.61 16.74
C TYR B 129 -11.02 -28.09 16.51
N LEU B 130 -11.27 -27.51 15.34
CA LEU B 130 -12.59 -26.96 15.00
C LEU B 130 -13.65 -28.07 14.94
N LYS B 131 -14.92 -27.69 15.10
CA LYS B 131 -16.01 -28.68 15.02
C LYS B 131 -17.16 -28.24 14.13
N PRO B 132 -16.99 -28.36 12.80
CA PRO B 132 -18.09 -28.14 11.86
C PRO B 132 -19.21 -29.17 12.09
N GLN B 146 -4.33 -38.22 11.18
CA GLN B 146 -5.08 -37.29 12.01
C GLN B 146 -4.23 -36.12 12.57
N PRO B 147 -4.10 -35.05 11.79
CA PRO B 147 -3.29 -33.88 12.14
C PRO B 147 -3.64 -33.31 13.53
N LYS B 148 -2.68 -32.60 14.14
CA LYS B 148 -2.89 -31.87 15.39
C LYS B 148 -2.32 -30.45 15.26
N ASN B 149 -2.92 -29.50 15.99
CA ASN B 149 -2.48 -28.11 15.98
C ASN B 149 -2.64 -27.52 17.38
N GLN B 150 -1.63 -27.66 18.22
CA GLN B 150 -1.80 -27.37 19.64
C GLN B 150 -0.54 -26.82 20.27
N ALA B 151 -0.69 -26.17 21.42
CA ALA B 151 0.47 -25.68 22.13
C ALA B 151 0.74 -26.45 23.41
N LYS B 152 0.13 -27.62 23.56
CA LYS B 152 0.49 -28.56 24.60
C LYS B 152 0.30 -27.98 25.99
N ASP B 153 -0.85 -28.30 26.60
CA ASP B 153 -1.34 -27.70 27.84
C ASP B 153 -1.80 -26.25 27.60
N TYR B 154 -2.12 -25.96 26.35
CA TYR B 154 -2.63 -24.67 25.95
C TYR B 154 -3.44 -24.69 24.60
N GLU B 155 -4.42 -25.56 24.35
CA GLU B 155 -4.87 -26.75 25.06
C GLU B 155 -6.26 -26.97 24.48
N ASN B 156 -7.22 -26.50 25.25
CA ASN B 156 -8.63 -26.51 24.91
C ASN B 156 -9.23 -25.14 25.23
N PHE B 157 -9.35 -24.33 24.18
CA PHE B 157 -9.89 -22.99 24.28
C PHE B 157 -11.39 -23.04 24.56
N LYS B 158 -11.91 -21.97 25.15
CA LYS B 158 -13.34 -21.84 25.34
C LYS B 158 -13.90 -20.58 24.63
N TYR B 159 -13.11 -19.50 24.60
CA TYR B 159 -13.64 -18.19 24.18
C TYR B 159 -13.13 -17.68 22.82
N VAL B 160 -11.98 -18.18 22.38
CA VAL B 160 -11.41 -17.76 21.08
C VAL B 160 -10.96 -18.97 20.26
N TYR B 161 -11.13 -18.87 18.96
CA TYR B 161 -10.53 -19.86 18.08
C TYR B 161 -10.01 -19.16 16.84
N SER B 162 -8.83 -19.59 16.38
CA SER B 162 -8.29 -19.18 15.09
C SER B 162 -8.16 -20.42 14.20
N GLY B 163 -8.00 -20.21 12.91
CA GLY B 163 -7.93 -21.36 12.02
C GLY B 163 -8.10 -21.00 10.57
N TRP B 164 -8.33 -22.05 9.80
CA TRP B 164 -8.55 -21.94 8.39
C TRP B 164 -9.61 -22.98 8.03
N PHE B 165 -10.32 -22.76 6.93
CA PHE B 165 -11.15 -23.79 6.32
C PHE B 165 -11.19 -23.58 4.81
N TYR B 166 -11.29 -24.68 4.06
CA TYR B 166 -11.27 -24.59 2.59
C TYR B 166 -11.94 -25.77 1.90
N LYS B 167 -12.24 -25.59 0.62
CA LYS B 167 -12.57 -26.71 -0.24
C LYS B 167 -11.80 -26.46 -1.52
N HIS B 168 -11.49 -27.54 -2.24
CA HIS B 168 -10.75 -27.45 -3.50
C HIS B 168 -11.68 -26.88 -4.54
N ALA B 169 -11.43 -25.64 -4.96
CA ALA B 169 -12.34 -24.97 -5.87
C ALA B 169 -12.17 -25.42 -7.33
N LYS B 170 -13.23 -25.28 -8.10
CA LYS B 170 -13.22 -25.62 -9.52
C LYS B 170 -12.22 -24.77 -10.28
N ARG B 171 -11.52 -25.38 -11.24
CA ARG B 171 -10.63 -24.60 -12.07
C ARG B 171 -11.46 -23.71 -12.96
N GLU B 172 -10.97 -22.52 -13.22
CA GLU B 172 -11.71 -21.57 -14.04
C GLU B 172 -10.96 -21.46 -15.34
N PHE B 173 -11.69 -21.41 -16.45
CA PHE B 173 -11.03 -21.26 -17.73
C PHE B 173 -11.98 -20.62 -18.72
N ASN B 174 -11.52 -19.55 -19.36
CA ASN B 174 -12.42 -18.70 -20.12
C ASN B 174 -11.69 -17.88 -21.17
N LEU B 175 -11.90 -18.24 -22.44
CA LEU B 175 -11.25 -17.55 -23.54
C LEU B 175 -12.21 -16.65 -24.29
N LYS B 176 -13.44 -16.59 -23.78
CA LYS B 176 -14.47 -15.72 -24.34
C LYS B 176 -14.47 -14.37 -23.62
N VAL B 177 -13.92 -14.35 -22.40
CA VAL B 177 -13.85 -13.15 -21.59
C VAL B 177 -12.51 -12.44 -21.74
N GLU B 178 -12.55 -11.12 -21.90
CA GLU B 178 -11.34 -10.30 -21.85
C GLU B 178 -11.21 -9.71 -20.45
N PRO B 179 -10.00 -9.77 -19.85
CA PRO B 179 -8.76 -10.30 -20.42
C PRO B 179 -8.48 -11.77 -20.08
N LYS B 180 -8.95 -12.68 -20.93
CA LYS B 180 -8.72 -14.13 -20.85
C LYS B 180 -8.25 -14.73 -19.49
N SER B 181 -9.16 -15.41 -18.79
CA SER B 181 -8.87 -15.85 -17.43
C SER B 181 -8.64 -17.36 -17.26
N ALA B 182 -7.78 -17.70 -16.30
CA ALA B 182 -7.54 -19.10 -15.92
C ALA B 182 -7.20 -19.14 -14.44
N LYS B 183 -7.86 -20.00 -13.67
CA LYS B 183 -7.62 -20.02 -12.25
C LYS B 183 -7.71 -21.42 -11.70
N ASN B 184 -6.84 -21.73 -10.75
CA ASN B 184 -6.73 -23.07 -10.20
C ASN B 184 -6.43 -23.00 -8.73
N GLY B 185 -6.99 -23.92 -7.95
CA GLY B 185 -6.56 -24.10 -6.58
C GLY B 185 -7.63 -23.94 -5.51
N ASP B 186 -7.24 -24.26 -4.28
CA ASP B 186 -8.09 -24.17 -3.10
C ASP B 186 -8.71 -22.79 -2.91
N ASP B 187 -9.84 -22.77 -2.22
CA ASP B 187 -10.44 -21.51 -1.79
C ASP B 187 -10.97 -21.65 -0.35
N GLY B 188 -10.79 -20.60 0.44
CA GLY B 188 -11.09 -20.67 1.85
C GLY B 188 -10.75 -19.41 2.63
N TYR B 189 -10.50 -19.58 3.91
CA TYR B 189 -10.29 -18.45 4.79
C TYR B 189 -9.33 -18.82 5.89
N ILE B 190 -8.56 -17.82 6.34
CA ILE B 190 -8.02 -17.85 7.68
C ILE B 190 -8.85 -16.86 8.56
N PHE B 191 -9.00 -17.17 9.84
CA PHE B 191 -9.87 -16.37 10.67
C PHE B 191 -9.51 -16.58 12.11
N TYR B 192 -9.79 -15.57 12.92
CA TYR B 192 -10.01 -15.83 14.34
C TYR B 192 -11.30 -15.12 14.73
N HIS B 193 -11.97 -15.67 15.73
CA HIS B 193 -13.12 -15.00 16.32
C HIS B 193 -13.19 -15.38 17.77
N GLY B 194 -14.01 -14.64 18.50
CA GLY B 194 -14.07 -14.72 19.94
C GLY B 194 -15.39 -14.28 20.56
N LYS B 195 -15.66 -14.84 21.73
CA LYS B 195 -16.83 -14.53 22.52
C LYS B 195 -16.38 -13.74 23.74
N GLU B 196 -17.17 -12.75 24.14
CA GLU B 196 -17.04 -12.09 25.43
C GLU B 196 -15.76 -11.32 25.64
N PRO B 197 -15.57 -10.22 24.87
CA PRO B 197 -14.38 -9.37 25.04
C PRO B 197 -14.24 -8.97 26.48
N SER B 198 -13.02 -9.07 26.98
CA SER B 198 -12.78 -9.05 28.42
C SER B 198 -13.04 -7.73 29.11
N ARG B 199 -13.56 -7.86 30.33
CA ARG B 199 -14.07 -6.73 31.12
C ARG B 199 -12.99 -6.37 32.10
N GLN B 200 -12.44 -7.39 32.73
CA GLN B 200 -11.34 -7.21 33.64
C GLN B 200 -10.12 -8.05 33.20
N LEU B 201 -8.95 -7.65 33.69
CA LEU B 201 -7.69 -8.33 33.45
C LEU B 201 -6.96 -8.49 34.78
N PRO B 202 -5.82 -9.21 34.79
CA PRO B 202 -5.03 -9.21 36.03
C PRO B 202 -4.33 -7.88 36.31
N ALA B 203 -4.18 -7.58 37.60
CA ALA B 203 -3.63 -6.29 37.98
C ALA B 203 -2.16 -6.27 37.63
N SER B 204 -1.50 -7.41 37.81
CA SER B 204 -0.05 -7.46 37.64
C SER B 204 0.52 -8.83 37.30
N GLY B 205 1.81 -8.84 37.00
CA GLY B 205 2.54 -10.06 36.75
C GLY B 205 2.74 -10.31 35.28
N LYS B 206 3.56 -11.33 34.99
CA LYS B 206 3.80 -11.77 33.62
C LYS B 206 3.22 -13.16 33.45
N ILE B 207 2.35 -13.32 32.46
CA ILE B 207 1.59 -14.55 32.30
C ILE B 207 1.88 -15.15 30.94
N THR B 208 2.17 -16.46 30.90
CA THR B 208 2.40 -17.12 29.60
C THR B 208 1.06 -17.44 28.92
N TYR B 209 0.93 -16.97 27.70
CA TYR B 209 -0.15 -17.36 26.82
C TYR B 209 0.48 -18.24 25.73
N LYS B 210 -0.05 -19.42 25.49
CA LYS B 210 0.47 -20.26 24.40
C LYS B 210 -0.64 -20.73 23.49
N GLY B 211 -0.47 -20.55 22.18
CA GLY B 211 -1.49 -20.99 21.25
C GLY B 211 -1.01 -21.51 19.92
N VAL B 212 -1.80 -21.26 18.88
CA VAL B 212 -1.52 -21.68 17.52
C VAL B 212 -1.58 -20.46 16.60
N TRP B 213 -1.11 -20.57 15.36
CA TRP B 213 -1.27 -19.47 14.40
C TRP B 213 -1.33 -19.99 12.95
N HIS B 214 -1.63 -19.11 12.01
CA HIS B 214 -2.01 -19.50 10.67
C HIS B 214 -1.69 -18.39 9.73
N PHE B 215 -1.29 -18.72 8.52
CA PHE B 215 -0.90 -17.66 7.60
C PHE B 215 -1.58 -17.87 6.26
N ALA B 216 -1.54 -16.86 5.41
CA ALA B 216 -1.94 -17.04 4.03
C ALA B 216 -1.21 -16.02 3.20
N THR B 217 -0.64 -16.47 2.08
CA THR B 217 0.24 -15.61 1.32
C THR B 217 -0.45 -14.95 0.14
N ASP B 218 0.19 -13.94 -0.42
CA ASP B 218 -0.23 -13.37 -1.70
C ASP B 218 0.12 -14.39 -2.80
N THR B 219 -0.06 -14.02 -4.06
CA THR B 219 0.25 -14.92 -5.16
C THR B 219 1.08 -14.19 -6.20
N LYS B 220 2.17 -14.82 -6.66
CA LYS B 220 3.08 -14.17 -7.63
C LYS B 220 3.69 -15.13 -8.68
N LYS B 221 4.88 -15.67 -8.37
CA LYS B 221 5.58 -16.54 -9.30
C LYS B 221 6.25 -17.66 -8.52
N GLY B 222 5.78 -17.84 -7.28
CA GLY B 222 6.25 -18.89 -6.40
C GLY B 222 7.69 -18.67 -6.00
N GLN B 223 8.16 -19.37 -4.96
CA GLN B 223 7.39 -20.31 -4.16
C GLN B 223 8.09 -20.48 -2.82
N LYS B 224 7.54 -21.29 -1.93
CA LYS B 224 8.12 -21.44 -0.59
C LYS B 224 8.35 -22.91 -0.24
N PHE B 225 9.42 -23.45 -0.82
CA PHE B 225 9.88 -24.82 -0.62
C PHE B 225 10.04 -25.14 0.88
N ARG B 226 10.27 -24.12 1.70
CA ARG B 226 10.67 -24.37 3.09
C ARG B 226 9.56 -24.89 3.99
N GLU B 227 8.30 -24.59 3.69
CA GLU B 227 7.20 -25.02 4.57
C GLU B 227 5.93 -25.53 3.87
N ILE B 228 5.69 -25.13 2.62
CA ILE B 228 4.67 -25.78 1.78
C ILE B 228 5.34 -26.69 0.74
N ILE B 229 5.15 -28.02 0.86
CA ILE B 229 5.85 -28.98 -0.02
C ILE B 229 5.79 -28.62 -1.49
N GLN B 230 6.74 -29.19 -2.24
CA GLN B 230 6.82 -29.08 -3.68
C GLN B 230 5.61 -28.39 -4.27
N PRO B 231 5.74 -27.08 -4.52
CA PRO B 231 4.80 -26.23 -5.28
C PRO B 231 4.06 -26.98 -6.39
N SER B 232 3.56 -28.17 -6.09
CA SER B 232 2.84 -29.03 -7.02
C SER B 232 1.66 -28.30 -7.61
N LYS B 233 0.82 -27.77 -6.72
CA LYS B 233 -0.38 -27.11 -7.15
C LYS B 233 -0.09 -25.64 -7.43
N SER B 234 1.18 -25.27 -7.24
CA SER B 234 1.66 -23.89 -7.38
C SER B 234 1.20 -22.98 -6.25
N GLN B 235 1.33 -23.51 -5.04
CA GLN B 235 1.15 -22.74 -3.84
C GLN B 235 2.14 -21.58 -3.84
N GLY B 236 1.59 -20.38 -3.79
CA GLY B 236 2.37 -19.16 -3.76
C GLY B 236 2.33 -18.52 -5.12
N ASP B 237 1.98 -19.34 -6.11
CA ASP B 237 2.01 -18.95 -7.52
C ASP B 237 0.57 -18.76 -8.05
N ARG B 238 -0.18 -19.85 -8.09
CA ARG B 238 -1.54 -19.81 -8.62
C ARG B 238 -2.59 -19.50 -7.56
N TYR B 239 -2.41 -20.09 -6.39
CA TYR B 239 -3.22 -19.71 -5.25
C TYR B 239 -2.35 -19.48 -4.02
N SER B 240 -2.98 -19.20 -2.88
CA SER B 240 -2.28 -18.61 -1.74
C SER B 240 -1.35 -19.54 -0.99
N GLY B 241 -1.83 -20.74 -0.67
CA GLY B 241 -1.02 -21.57 0.20
C GLY B 241 -0.97 -20.98 1.60
N PHE B 242 -1.07 -21.86 2.58
CA PHE B 242 -1.51 -21.43 3.90
C PHE B 242 -1.40 -22.55 4.91
N SER B 243 -1.39 -22.17 6.18
CA SER B 243 -1.29 -23.07 7.33
C SER B 243 -1.83 -24.50 7.12
N GLY B 244 -2.85 -24.65 6.28
CA GLY B 244 -3.55 -25.92 6.12
C GLY B 244 -3.53 -26.59 4.75
N ASP B 245 -2.61 -26.17 3.88
CA ASP B 245 -2.50 -26.76 2.56
C ASP B 245 -2.08 -28.20 2.70
N ASP B 246 -2.51 -29.02 1.75
CA ASP B 246 -2.41 -30.47 1.88
C ASP B 246 -1.12 -31.15 2.41
N GLY B 247 0.05 -30.88 1.84
CA GLY B 247 0.33 -29.86 0.85
C GLY B 247 1.51 -29.11 1.41
N GLU B 248 1.78 -29.41 2.68
CA GLU B 248 2.64 -28.63 3.54
C GLU B 248 2.93 -29.57 4.70
N GLU B 249 4.09 -30.21 4.71
CA GLU B 249 4.25 -31.31 5.66
C GLU B 249 5.53 -31.28 6.47
N TYR B 250 6.08 -30.09 6.67
CA TYR B 250 7.33 -29.99 7.39
C TYR B 250 7.12 -29.75 8.88
N SER B 251 5.88 -29.43 9.25
CA SER B 251 5.56 -29.33 10.67
C SER B 251 5.30 -30.72 11.20
N ASN B 252 5.35 -30.88 12.52
CA ASN B 252 5.24 -32.19 13.15
C ASN B 252 3.82 -32.54 13.44
N LYS B 253 2.92 -32.01 12.62
CA LYS B 253 1.48 -32.14 12.86
C LYS B 253 0.93 -33.57 12.84
N ASN B 254 1.58 -34.46 12.09
CA ASN B 254 1.15 -35.86 12.05
C ASN B 254 1.95 -36.79 12.97
N LYS B 255 3.13 -36.35 13.40
CA LYS B 255 3.93 -37.11 14.35
C LYS B 255 3.13 -37.25 15.65
N SER B 256 3.44 -38.25 16.45
CA SER B 256 2.68 -38.50 17.67
C SER B 256 3.47 -38.22 18.96
N THR B 257 4.79 -38.09 18.83
CA THR B 257 5.65 -37.79 19.95
C THR B 257 6.14 -36.35 19.85
N LEU B 258 6.40 -35.73 20.99
CA LEU B 258 6.76 -34.33 20.93
C LEU B 258 8.22 -34.13 20.53
N THR B 259 8.41 -33.16 19.62
CA THR B 259 9.71 -32.81 19.04
C THR B 259 10.92 -32.98 19.97
N ASP B 260 10.69 -32.85 21.29
CA ASP B 260 11.72 -32.89 22.34
C ASP B 260 12.39 -31.51 22.48
N GLY B 261 12.01 -30.61 21.59
CA GLY B 261 12.30 -29.20 21.77
C GLY B 261 10.99 -28.53 22.14
N GLN B 262 9.94 -29.35 22.21
CA GLN B 262 8.61 -29.02 22.78
C GLN B 262 7.79 -27.97 22.01
N GLU B 263 7.02 -27.20 22.79
CA GLU B 263 5.96 -26.29 22.36
C GLU B 263 4.68 -27.04 21.98
N GLY B 264 4.69 -27.77 20.88
CA GLY B 264 3.55 -28.63 20.58
C GLY B 264 3.51 -29.13 19.15
N TYR B 265 2.30 -29.23 18.61
CA TYR B 265 2.11 -29.74 17.26
C TYR B 265 1.71 -28.59 16.32
N GLY B 266 2.33 -28.51 15.15
CA GLY B 266 1.98 -27.52 14.14
C GLY B 266 2.69 -26.19 14.28
N PHE B 267 2.14 -25.15 13.64
CA PHE B 267 2.55 -23.77 13.86
C PHE B 267 1.93 -23.27 15.16
N THR B 268 2.76 -22.87 16.12
CA THR B 268 2.25 -22.51 17.42
C THR B 268 2.90 -21.23 17.88
N SER B 269 2.44 -20.71 19.03
CA SER B 269 2.88 -19.39 19.55
C SER B 269 3.15 -19.38 21.05
N ASN B 270 4.10 -18.53 21.43
CA ASN B 270 4.53 -18.45 22.81
C ASN B 270 4.62 -16.98 23.21
N LEU B 271 3.52 -16.48 23.77
CA LEU B 271 3.42 -15.08 24.15
C LEU B 271 3.57 -14.92 25.65
N GLU B 272 4.10 -13.76 26.04
CA GLU B 272 4.12 -13.37 27.42
C GLU B 272 3.37 -12.04 27.57
N VAL B 273 2.50 -11.96 28.57
CA VAL B 273 1.83 -10.69 28.81
C VAL B 273 2.28 -10.05 30.12
N ASP B 274 2.78 -8.83 30.02
CA ASP B 274 3.18 -8.09 31.22
C ASP B 274 2.07 -7.12 31.57
N PHE B 275 1.18 -7.50 32.47
CA PHE B 275 0.01 -6.66 32.78
C PHE B 275 0.34 -5.40 33.58
N HIS B 276 1.36 -5.53 34.43
CA HIS B 276 1.94 -4.40 35.16
C HIS B 276 2.35 -3.25 34.22
N ASN B 277 3.06 -3.59 33.14
CA ASN B 277 3.58 -2.58 32.20
C ASN B 277 2.74 -2.44 30.95
N LYS B 278 1.62 -3.17 30.92
CA LYS B 278 0.73 -3.24 29.77
C LYS B 278 1.50 -3.65 28.51
N LYS B 279 2.46 -4.54 28.67
CA LYS B 279 3.26 -4.98 27.52
C LYS B 279 3.04 -6.45 27.11
N LEU B 280 2.96 -6.68 25.80
CA LEU B 280 2.89 -8.04 25.25
C LEU B 280 4.08 -8.37 24.31
N THR B 281 4.74 -9.49 24.58
CA THR B 281 5.74 -10.01 23.64
C THR B 281 5.61 -11.51 23.37
N GLY B 282 6.26 -11.97 22.29
CA GLY B 282 6.48 -13.40 22.12
C GLY B 282 6.83 -13.85 20.71
N LYS B 283 6.76 -15.15 20.48
CA LYS B 283 7.23 -15.71 19.22
C LYS B 283 6.21 -16.62 18.53
N LEU B 284 6.13 -16.50 17.20
CA LEU B 284 5.41 -17.46 16.38
C LEU B 284 6.36 -18.52 15.79
N ILE B 285 6.51 -19.65 16.48
CA ILE B 285 7.41 -20.71 16.01
C ILE B 285 6.69 -21.74 15.11
N ARG B 286 7.47 -22.65 14.54
CA ARG B 286 6.91 -23.86 13.94
C ARG B 286 7.62 -25.09 14.48
N ASN B 287 6.84 -26.03 14.98
CA ASN B 287 7.43 -27.26 15.49
C ASN B 287 7.69 -28.13 14.29
N ASN B 288 8.92 -28.63 14.22
CA ASN B 288 9.39 -29.23 12.99
C ASN B 288 9.14 -30.73 12.93
N ALA B 289 8.75 -31.20 11.74
CA ALA B 289 8.68 -32.64 11.50
C ALA B 289 10.00 -33.38 11.84
N ASN B 290 11.12 -32.84 11.38
CA ASN B 290 12.42 -33.49 11.61
C ASN B 290 13.61 -32.54 11.73
N THR B 291 14.75 -33.09 12.12
CA THR B 291 15.98 -32.33 12.36
C THR B 291 16.97 -32.41 11.19
N ASP B 292 16.46 -32.30 9.97
CA ASP B 292 17.32 -32.31 8.79
C ASP B 292 17.99 -30.96 8.61
N ASN B 293 18.11 -30.51 7.36
CA ASN B 293 18.74 -29.23 7.00
C ASN B 293 19.95 -28.87 7.88
N ASN B 294 20.01 -27.61 8.27
CA ASN B 294 20.88 -27.19 9.36
C ASN B 294 19.97 -26.60 10.43
N GLN B 295 18.88 -27.32 10.70
CA GLN B 295 17.80 -26.85 11.54
C GLN B 295 16.91 -28.06 11.85
N ALA B 296 16.34 -28.20 13.05
CA ALA B 296 16.21 -27.18 14.09
C ALA B 296 15.61 -27.82 15.35
N THR B 297 14.41 -28.43 15.16
CA THR B 297 13.47 -28.97 16.17
C THR B 297 12.26 -28.01 16.23
N THR B 298 12.58 -26.71 16.07
CA THR B 298 11.70 -25.57 16.22
C THR B 298 12.29 -24.49 15.32
N THR B 299 11.44 -23.75 14.59
CA THR B 299 11.97 -22.69 13.73
C THR B 299 11.12 -21.42 13.82
N GLN B 300 11.60 -20.44 14.58
CA GLN B 300 10.83 -19.22 14.84
C GLN B 300 10.73 -18.30 13.62
N TYR B 301 9.51 -17.95 13.22
CA TYR B 301 9.33 -17.09 12.06
C TYR B 301 9.06 -15.64 12.43
N TYR B 302 8.47 -15.41 13.60
CA TYR B 302 8.07 -14.06 13.99
C TYR B 302 8.36 -13.78 15.44
N SER B 303 8.75 -12.55 15.72
CA SER B 303 8.58 -12.07 17.08
C SER B 303 7.50 -11.02 17.12
N LEU B 304 6.81 -11.00 18.25
CA LEU B 304 5.66 -10.11 18.47
C LEU B 304 5.92 -9.18 19.63
N GLU B 305 5.77 -7.87 19.39
CA GLU B 305 5.69 -6.89 20.47
C GLU B 305 4.37 -6.09 20.46
N ALA B 306 3.67 -6.03 21.60
CA ALA B 306 2.46 -5.21 21.69
C ALA B 306 2.25 -4.48 23.03
N GLN B 307 1.76 -3.26 22.94
CA GLN B 307 1.27 -2.55 24.13
C GLN B 307 -0.24 -2.76 24.35
N VAL B 308 -0.59 -3.42 25.46
CA VAL B 308 -1.99 -3.59 25.88
C VAL B 308 -2.70 -2.24 26.14
N THR B 309 -3.89 -2.06 25.58
CA THR B 309 -4.68 -0.83 25.78
C THR B 309 -6.13 -1.17 26.03
N GLY B 310 -6.47 -1.49 27.28
CA GLY B 310 -7.84 -1.85 27.63
C GLY B 310 -7.97 -3.36 27.65
N ASN B 311 -8.79 -3.91 26.75
CA ASN B 311 -8.74 -5.35 26.49
C ASN B 311 -8.23 -5.65 25.08
N ARG B 312 -7.75 -4.59 24.40
CA ARG B 312 -7.14 -4.65 23.08
C ARG B 312 -5.61 -4.53 23.16
N PHE B 313 -4.87 -5.18 22.27
CA PHE B 313 -3.45 -4.82 22.11
C PHE B 313 -3.12 -4.44 20.68
N ASN B 314 -2.16 -3.54 20.51
CA ASN B 314 -1.74 -3.12 19.19
C ASN B 314 -0.23 -3.01 19.13
N GLY B 315 0.32 -3.22 17.94
CA GLY B 315 1.75 -3.09 17.79
C GLY B 315 2.34 -3.68 16.54
N LYS B 316 3.39 -4.48 16.73
CA LYS B 316 4.31 -4.82 15.65
C LYS B 316 4.78 -6.28 15.63
N ALA B 317 4.77 -6.89 14.45
CA ALA B 317 5.30 -8.25 14.34
C ALA B 317 6.64 -8.18 13.62
N THR B 318 7.67 -8.80 14.20
CA THR B 318 9.00 -8.77 13.56
C THR B 318 9.37 -10.08 12.91
N ALA B 319 9.79 -9.99 11.65
CA ALA B 319 10.14 -11.18 10.88
C ALA B 319 11.56 -11.62 11.26
N THR B 320 11.63 -12.77 11.91
CA THR B 320 12.86 -13.34 12.43
C THR B 320 13.92 -13.67 11.36
N ASP B 321 13.49 -14.33 10.30
CA ASP B 321 14.42 -14.85 9.30
C ASP B 321 14.42 -14.04 8.01
N LYS B 322 14.83 -12.78 8.10
CA LYS B 322 14.82 -11.89 6.93
C LYS B 322 16.02 -12.15 6.00
N PRO B 323 15.81 -11.94 4.69
CA PRO B 323 16.95 -11.99 3.77
C PRO B 323 17.90 -10.86 4.13
N GLN B 324 18.93 -11.19 4.90
CA GLN B 324 19.86 -10.21 5.46
C GLN B 324 20.57 -9.36 4.40
N GLN B 325 21.19 -10.01 3.42
CA GLN B 325 22.06 -9.32 2.47
C GLN B 325 21.32 -8.67 1.31
N ASN B 326 20.00 -8.87 1.23
CA ASN B 326 19.16 -8.34 0.15
C ASN B 326 19.53 -8.84 -1.25
N SER B 327 20.64 -9.56 -1.35
CA SER B 327 21.10 -10.19 -2.59
C SER B 327 20.82 -11.69 -2.50
N GLU B 328 19.65 -12.02 -1.94
CA GLU B 328 19.26 -13.40 -1.72
C GLU B 328 17.79 -13.48 -1.33
N THR B 329 17.09 -14.50 -1.79
CA THR B 329 15.72 -14.72 -1.33
C THR B 329 15.71 -15.96 -0.45
N LYS B 330 14.78 -15.95 0.50
CA LYS B 330 14.56 -17.05 1.42
C LYS B 330 13.55 -18.04 0.84
N GLU B 331 13.46 -19.23 1.43
CA GLU B 331 12.56 -20.23 0.90
C GLU B 331 11.22 -20.28 1.62
N HIS B 332 10.83 -19.15 2.19
CA HIS B 332 9.57 -19.04 2.93
C HIS B 332 9.04 -17.60 2.73
N PRO B 333 7.82 -17.30 3.22
CA PRO B 333 7.35 -15.94 2.93
C PRO B 333 7.54 -14.97 4.11
N PHE B 334 7.87 -15.52 5.29
CA PHE B 334 8.09 -14.78 6.54
C PHE B 334 9.40 -13.95 6.59
N VAL B 335 9.40 -12.97 5.69
CA VAL B 335 10.55 -12.15 5.38
C VAL B 335 10.31 -10.64 5.49
N SER B 336 9.23 -10.26 6.18
CA SER B 336 8.88 -8.84 6.30
C SER B 336 8.15 -8.57 7.61
N ASP B 337 8.44 -7.43 8.22
CA ASP B 337 7.83 -7.06 9.48
C ASP B 337 6.42 -6.49 9.29
N SER B 338 5.61 -6.57 10.35
CA SER B 338 4.28 -6.00 10.33
C SER B 338 4.11 -4.94 11.41
N SER B 339 3.64 -3.76 11.02
CA SER B 339 3.32 -2.73 12.02
C SER B 339 1.83 -2.69 12.40
N SER B 340 1.08 -3.74 12.09
CA SER B 340 -0.35 -3.78 12.39
C SER B 340 -0.80 -5.07 13.05
N LEU B 341 -0.03 -5.54 14.01
CA LEU B 341 -0.54 -6.59 14.88
C LEU B 341 -1.72 -5.96 15.66
N SER B 342 -2.89 -6.60 15.66
CA SER B 342 -4.06 -6.16 16.44
C SER B 342 -4.66 -7.36 17.12
N GLY B 343 -5.25 -7.15 18.30
CA GLY B 343 -5.87 -8.26 19.00
C GLY B 343 -6.64 -7.86 20.25
N GLY B 344 -7.06 -8.84 21.06
CA GLY B 344 -7.77 -8.53 22.27
C GLY B 344 -7.93 -9.73 23.19
N PHE B 345 -8.30 -9.44 24.42
CA PHE B 345 -8.53 -10.49 25.40
C PHE B 345 -10.02 -10.79 25.42
N PHE B 346 -10.37 -11.98 25.88
CA PHE B 346 -11.73 -12.52 25.80
C PHE B 346 -11.79 -13.47 26.97
N GLY B 347 -12.98 -13.64 27.56
CA GLY B 347 -13.13 -14.43 28.77
C GLY B 347 -13.12 -13.54 29.99
N PRO B 348 -13.57 -14.08 31.14
CA PRO B 348 -13.58 -13.45 32.46
C PRO B 348 -12.41 -12.53 32.77
N GLN B 349 -11.18 -13.04 32.63
CA GLN B 349 -9.98 -12.28 32.99
C GLN B 349 -9.04 -12.03 31.82
N GLY B 350 -9.54 -12.16 30.60
CA GLY B 350 -8.68 -12.04 29.43
C GLY B 350 -7.69 -13.17 29.41
N GLU B 351 -8.14 -14.36 29.81
CA GLU B 351 -7.28 -15.53 29.85
C GLU B 351 -7.20 -16.22 28.49
N GLU B 352 -7.70 -15.56 27.44
CA GLU B 352 -7.57 -16.04 26.07
C GLU B 352 -7.45 -14.83 25.16
N LEU B 353 -6.67 -14.95 24.08
CA LEU B 353 -6.54 -13.82 23.17
C LEU B 353 -6.74 -14.18 21.74
N GLY B 354 -6.71 -13.21 20.86
CA GLY B 354 -6.99 -13.46 19.46
C GLY B 354 -6.27 -12.33 18.79
N PHE B 355 -5.59 -12.60 17.69
CA PHE B 355 -4.83 -11.53 17.05
C PHE B 355 -4.63 -11.73 15.59
N ARG B 356 -4.11 -10.70 14.95
CA ARG B 356 -3.99 -10.76 13.51
C ARG B 356 -3.05 -9.70 12.98
N PHE B 357 -2.34 -9.99 11.88
CA PHE B 357 -1.55 -8.94 11.23
C PHE B 357 -1.38 -9.12 9.74
N LEU B 358 -0.97 -8.04 9.09
CA LEU B 358 -0.64 -8.06 7.68
C LEU B 358 0.69 -7.34 7.43
N SER B 359 1.67 -8.08 6.93
CA SER B 359 3.02 -7.56 6.72
C SER B 359 3.05 -6.42 5.71
N ASP B 360 3.97 -5.48 5.91
CA ASP B 360 4.00 -4.26 5.09
C ASP B 360 4.39 -4.47 3.61
N ASP B 361 4.94 -5.64 3.28
CA ASP B 361 5.13 -6.04 1.89
C ASP B 361 3.80 -6.50 1.29
N GLN B 362 2.83 -6.78 2.17
CA GLN B 362 1.47 -7.18 1.80
C GLN B 362 1.41 -8.60 1.25
N LYS B 363 2.34 -9.43 1.69
CA LYS B 363 2.52 -10.75 1.13
C LYS B 363 1.98 -11.81 2.06
N VAL B 364 2.18 -11.64 3.36
CA VAL B 364 1.72 -12.64 4.31
C VAL B 364 0.65 -12.03 5.22
N ALA B 365 -0.37 -12.82 5.55
CA ALA B 365 -1.36 -12.44 6.56
C ALA B 365 -1.42 -13.51 7.63
N VAL B 366 -1.58 -13.11 8.89
CA VAL B 366 -1.56 -14.10 9.97
C VAL B 366 -2.74 -13.89 10.93
N VAL B 367 -3.23 -14.98 11.50
CA VAL B 367 -4.12 -14.92 12.62
C VAL B 367 -3.69 -15.99 13.59
N GLY B 368 -4.10 -15.85 14.86
CA GLY B 368 -3.79 -16.84 15.87
C GLY B 368 -4.58 -16.62 17.15
N SER B 369 -4.32 -17.44 18.17
CA SER B 369 -5.00 -17.38 19.44
C SER B 369 -4.08 -17.96 20.50
N ALA B 370 -4.32 -17.67 21.78
CA ALA B 370 -3.45 -18.16 22.84
C ALA B 370 -4.20 -18.23 24.19
N LYS B 371 -3.65 -19.00 25.14
CA LYS B 371 -4.44 -19.45 26.28
C LYS B 371 -3.72 -19.24 27.61
N THR B 372 -3.83 -20.24 28.47
CA THR B 372 -3.10 -20.37 29.73
C THR B 372 -3.46 -21.82 30.04
N LYS B 373 -2.89 -22.40 31.09
CA LYS B 373 -3.01 -23.85 31.35
C LYS B 373 -4.40 -24.47 31.51
N ASP B 374 -4.52 -25.47 32.41
CA ASP B 374 -5.85 -25.98 32.82
C ASP B 374 -5.89 -26.81 34.09
N LYS B 375 -4.94 -27.75 34.22
CA LYS B 375 -4.81 -28.60 35.41
C LYS B 375 -6.13 -29.24 35.85
N LYS B 405 -5.39 -11.49 41.68
CA LYS B 405 -5.61 -10.07 41.99
C LYS B 405 -6.03 -9.27 40.75
N LEU B 406 -7.35 -9.07 40.58
CA LEU B 406 -7.86 -8.47 39.33
C LEU B 406 -8.07 -6.97 39.33
N THR B 407 -8.25 -6.45 38.12
CA THR B 407 -8.51 -5.03 37.89
C THR B 407 -9.54 -4.93 36.76
N THR B 408 -10.61 -4.15 36.94
CA THR B 408 -11.53 -3.98 35.81
C THR B 408 -11.07 -2.82 34.91
N VAL B 409 -11.21 -3.00 33.60
CA VAL B 409 -10.61 -2.06 32.66
C VAL B 409 -11.67 -1.24 31.96
N LEU B 410 -12.91 -1.74 32.00
CA LEU B 410 -14.01 -1.02 31.40
C LEU B 410 -15.35 -1.28 32.09
N ASP B 411 -16.31 -0.41 31.81
CA ASP B 411 -17.69 -0.59 32.26
C ASP B 411 -18.64 -0.53 31.08
N ALA B 412 -19.47 -1.56 30.93
CA ALA B 412 -20.47 -1.46 29.89
C ALA B 412 -21.75 -2.13 30.37
N VAL B 413 -22.74 -1.32 30.73
CA VAL B 413 -23.99 -1.85 31.27
C VAL B 413 -25.23 -1.43 30.50
N GLU B 414 -26.23 -2.31 30.53
CA GLU B 414 -27.53 -2.02 29.96
C GLU B 414 -28.57 -2.11 31.08
N LEU B 415 -29.30 -1.03 31.30
CA LEU B 415 -30.32 -0.98 32.35
C LEU B 415 -31.67 -1.17 31.69
N LYS B 416 -32.31 -2.30 31.90
CA LYS B 416 -33.61 -2.52 31.27
C LYS B 416 -34.68 -1.68 32.00
N LEU B 417 -35.39 -0.85 31.25
CA LEU B 417 -36.50 -0.08 31.81
C LEU B 417 -37.74 -0.99 31.94
N GLY B 418 -38.19 -1.25 33.17
CA GLY B 418 -37.54 -0.80 34.39
C GLY B 418 -37.30 -2.05 35.21
N ASP B 419 -36.09 -2.59 35.12
CA ASP B 419 -35.81 -3.91 35.65
C ASP B 419 -34.85 -3.93 36.84
N LYS B 420 -34.91 -5.01 37.62
CA LYS B 420 -34.09 -5.17 38.82
C LYS B 420 -32.65 -5.63 38.53
N LYS B 421 -32.40 -6.15 37.33
CA LYS B 421 -31.08 -6.71 36.99
C LYS B 421 -30.35 -5.93 35.89
N VAL B 422 -29.14 -5.49 36.20
CA VAL B 422 -28.34 -4.75 35.24
C VAL B 422 -27.68 -5.76 34.31
N GLN B 423 -27.68 -5.45 33.02
CA GLN B 423 -27.09 -6.35 32.05
C GLN B 423 -25.68 -5.87 31.67
N LYS B 424 -24.78 -6.81 31.36
CA LYS B 424 -23.44 -6.45 30.90
C LYS B 424 -23.37 -6.48 29.38
N LEU B 425 -23.06 -5.33 28.78
CA LEU B 425 -22.79 -5.27 27.36
C LEU B 425 -21.33 -5.63 27.09
N ASP B 426 -21.04 -6.11 25.88
CA ASP B 426 -19.65 -6.33 25.46
C ASP B 426 -19.11 -5.00 24.97
N ASN B 427 -17.80 -4.78 25.17
CA ASN B 427 -17.18 -3.56 24.66
C ASN B 427 -15.70 -3.78 24.31
N PHE B 428 -15.20 -3.03 23.32
CA PHE B 428 -13.80 -3.15 22.92
C PHE B 428 -12.89 -2.03 23.38
N SER B 429 -13.03 -1.65 24.65
CA SER B 429 -12.25 -0.54 25.18
C SER B 429 -12.37 0.69 24.28
N ASN B 430 -13.55 0.85 23.72
CA ASN B 430 -13.91 2.05 23.01
C ASN B 430 -15.27 2.48 23.52
N ALA B 431 -15.28 3.61 24.22
CA ALA B 431 -16.47 4.16 24.81
C ALA B 431 -17.38 4.70 23.71
N ALA B 432 -16.76 5.24 22.67
CA ALA B 432 -17.50 5.82 21.54
C ALA B 432 -18.10 4.80 20.55
N GLN B 433 -18.10 3.52 20.92
CA GLN B 433 -18.63 2.46 20.09
C GLN B 433 -19.45 1.51 20.94
N LEU B 434 -20.72 1.38 20.58
CA LEU B 434 -21.66 0.66 21.42
C LEU B 434 -21.95 -0.71 20.84
N VAL B 435 -21.75 -1.73 21.66
CA VAL B 435 -21.84 -3.11 21.19
C VAL B 435 -23.05 -3.86 21.73
N VAL B 436 -24.11 -3.93 20.94
CA VAL B 436 -25.31 -4.66 21.35
C VAL B 436 -25.74 -5.69 20.32
N ASP B 437 -26.01 -6.92 20.79
CA ASP B 437 -26.47 -8.00 19.93
C ASP B 437 -25.54 -8.13 18.73
N GLY B 438 -24.24 -8.16 19.04
CA GLY B 438 -23.19 -8.37 18.07
C GLY B 438 -23.09 -7.36 16.94
N ILE B 439 -23.78 -6.24 17.06
CA ILE B 439 -23.74 -5.20 16.05
C ILE B 439 -22.94 -4.02 16.60
N MET B 440 -22.34 -3.24 15.72
CA MET B 440 -21.44 -2.17 16.13
C MET B 440 -22.04 -0.84 15.79
N ILE B 441 -22.15 0.04 16.79
CA ILE B 441 -22.81 1.33 16.59
C ILE B 441 -21.89 2.47 16.98
N PRO B 442 -21.50 3.29 16.00
CA PRO B 442 -20.62 4.43 16.29
C PRO B 442 -21.39 5.57 16.92
N LEU B 443 -20.85 6.16 18.00
CA LEU B 443 -21.51 7.27 18.68
C LEU B 443 -20.95 8.61 18.23
N LEU B 444 -20.45 8.68 17.00
CA LEU B 444 -19.96 9.93 16.42
C LEU B 444 -20.34 10.07 14.94
N PRO B 445 -20.32 11.30 14.42
CA PRO B 445 -20.41 11.54 12.96
C PRO B 445 -19.47 10.63 12.16
N ALA B 464 -25.10 20.91 20.69
CA ALA B 464 -24.41 19.73 20.21
C ALA B 464 -24.17 18.74 21.35
N PHE B 465 -24.81 19.01 22.49
CA PHE B 465 -24.50 18.33 23.76
C PHE B 465 -24.83 16.84 23.81
N THR B 466 -26.05 16.49 23.40
CA THR B 466 -26.48 15.10 23.28
C THR B 466 -27.08 14.92 21.91
N ARG B 467 -26.74 13.84 21.22
CA ARG B 467 -27.38 13.55 19.95
C ARG B 467 -28.26 12.28 19.99
N LYS B 468 -29.25 12.25 19.10
CA LYS B 468 -30.16 11.13 19.00
C LYS B 468 -30.23 10.70 17.55
N PHE B 469 -30.09 9.40 17.29
CA PHE B 469 -30.05 8.90 15.91
C PHE B 469 -30.55 7.47 15.72
N ASP B 470 -30.81 7.12 14.47
CA ASP B 470 -31.41 5.82 14.14
C ASP B 470 -30.46 5.01 13.29
N HIS B 471 -30.07 3.84 13.80
CA HIS B 471 -29.15 2.96 13.08
C HIS B 471 -29.81 1.61 12.78
N THR B 472 -29.97 1.29 11.50
CA THR B 472 -30.59 0.02 11.09
C THR B 472 -29.62 -0.78 10.25
N PRO B 473 -29.07 -1.86 10.82
CA PRO B 473 -27.99 -2.66 10.23
C PRO B 473 -28.44 -3.58 9.09
N LYS B 504 -32.28 -4.31 13.17
CA LYS B 504 -33.73 -4.22 13.11
C LYS B 504 -34.22 -3.04 13.93
N THR B 505 -33.66 -1.87 13.62
CA THR B 505 -34.06 -0.57 14.20
C THR B 505 -33.55 -0.26 15.63
N TYR B 506 -32.50 0.55 15.68
CA TYR B 506 -31.92 0.98 16.94
C TYR B 506 -32.06 2.49 17.05
N GLU B 507 -32.74 2.95 18.10
CA GLU B 507 -32.79 4.37 18.43
C GLU B 507 -31.93 4.61 19.66
N VAL B 508 -30.96 5.49 19.51
CA VAL B 508 -30.05 5.80 20.60
C VAL B 508 -30.00 7.31 20.85
N GLU B 509 -30.15 7.73 22.11
CA GLU B 509 -29.75 9.09 22.49
C GLU B 509 -28.47 9.03 23.31
N VAL B 510 -27.44 9.69 22.84
CA VAL B 510 -26.17 9.57 23.51
C VAL B 510 -25.64 10.88 24.09
N CYS B 511 -25.14 10.78 25.30
CA CYS B 511 -24.49 11.92 25.92
C CYS B 511 -23.17 11.43 26.43
N CYS B 512 -22.17 12.31 26.52
CA CYS B 512 -22.26 13.71 26.14
C CYS B 512 -21.12 14.09 25.20
N SER B 513 -21.25 15.27 24.61
CA SER B 513 -20.25 15.76 23.66
C SER B 513 -19.00 16.21 24.41
N ASN B 514 -19.17 16.62 25.66
CA ASN B 514 -18.01 17.08 26.42
C ASN B 514 -17.24 15.93 27.09
N LEU B 515 -17.63 14.69 26.81
CA LEU B 515 -16.94 13.51 27.32
C LEU B 515 -16.23 12.73 26.21
N ASN B 516 -15.09 12.11 26.53
CA ASN B 516 -14.32 11.38 25.52
C ASN B 516 -14.05 9.94 25.88
N TYR B 517 -14.09 9.63 27.18
CA TYR B 517 -13.80 8.28 27.66
C TYR B 517 -14.98 7.64 28.34
N LEU B 518 -16.11 8.34 28.28
CA LEU B 518 -17.36 7.87 28.87
C LEU B 518 -18.54 8.29 28.00
N LYS B 519 -19.48 7.37 27.80
CA LYS B 519 -20.65 7.68 27.04
C LYS B 519 -21.80 6.94 27.70
N TYR B 520 -22.96 7.57 27.73
CA TYR B 520 -24.15 6.97 28.34
C TYR B 520 -25.44 7.54 27.75
N GLY B 521 -26.55 6.86 28.03
CA GLY B 521 -27.83 7.36 27.56
C GLY B 521 -28.91 6.34 27.27
N MET B 522 -29.71 6.68 26.28
CA MET B 522 -30.96 5.97 26.05
C MET B 522 -30.83 5.04 24.89
N LEU B 523 -31.18 3.77 25.12
CA LEU B 523 -31.17 2.77 24.05
C LEU B 523 -32.54 2.14 23.81
N THR B 524 -33.18 2.48 22.70
CA THR B 524 -34.48 1.90 22.40
C THR B 524 -34.46 1.20 21.04
N ARG B 525 -34.77 -0.09 21.03
CA ARG B 525 -34.86 -0.84 19.77
C ARG B 525 -36.29 -1.27 19.40
N LYS B 526 -36.60 -1.19 18.11
CA LYS B 526 -37.86 -1.70 17.57
C LYS B 526 -37.71 -3.09 16.89
N ASN B 527 -38.57 -3.38 15.91
CA ASN B 527 -38.48 -4.65 15.18
C ASN B 527 -39.22 -4.56 13.86
N VAL B 548 -41.13 -2.43 20.66
CA VAL B 548 -40.56 -1.25 21.34
C VAL B 548 -40.10 -1.50 22.79
N GLU B 549 -38.82 -1.86 22.88
CA GLU B 549 -38.12 -2.11 24.14
C GLU B 549 -37.23 -0.90 24.49
N GLN B 550 -37.20 -0.50 25.75
CA GLN B 550 -36.45 0.71 26.14
C GLN B 550 -35.50 0.49 27.33
N SER B 551 -34.32 1.07 27.25
CA SER B 551 -33.32 0.81 28.27
C SER B 551 -32.22 1.87 28.32
N MET B 552 -31.42 1.83 29.36
CA MET B 552 -30.35 2.79 29.45
C MET B 552 -29.00 2.08 29.45
N PHE B 553 -27.98 2.82 29.05
CA PHE B 553 -26.63 2.26 28.98
C PHE B 553 -25.61 3.27 29.45
N LEU B 554 -24.49 2.73 29.91
CA LEU B 554 -23.32 3.52 30.25
C LEU B 554 -22.10 2.70 29.88
N GLN B 555 -21.22 3.28 29.06
CA GLN B 555 -19.97 2.63 28.62
C GLN B 555 -18.78 3.51 28.93
N GLY B 556 -17.71 2.92 29.43
CA GLY B 556 -16.56 3.73 29.75
C GLY B 556 -15.27 2.97 29.90
N GLU B 557 -14.20 3.69 29.54
CA GLU B 557 -12.81 3.24 29.62
C GLU B 557 -12.19 3.68 30.94
N ARG B 558 -12.03 2.78 31.89
CA ARG B 558 -11.50 3.11 33.19
C ARG B 558 -10.05 3.61 33.19
N THR B 559 -9.81 4.61 34.01
CA THR B 559 -8.48 5.11 34.33
C THR B 559 -7.72 3.98 34.97
N ASP B 560 -6.42 3.88 34.67
CA ASP B 560 -5.58 2.85 35.26
C ASP B 560 -5.55 2.97 36.79
N GLU B 561 -5.54 1.83 37.46
CA GLU B 561 -5.50 1.74 38.91
C GLU B 561 -4.34 2.56 39.52
N LYS B 562 -3.25 2.65 38.76
CA LYS B 562 -2.05 3.35 39.20
C LYS B 562 -2.17 4.85 38.93
N GLU B 563 -3.17 5.21 38.15
CA GLU B 563 -3.32 6.57 37.65
C GLU B 563 -4.39 7.37 38.41
N ILE B 564 -5.07 6.76 39.38
CA ILE B 564 -6.09 7.50 40.07
C ILE B 564 -5.42 8.40 41.08
N PRO B 565 -5.70 9.71 41.00
CA PRO B 565 -5.00 10.75 41.75
C PRO B 565 -5.18 10.54 43.25
N SER B 566 -4.43 11.29 44.05
CA SER B 566 -4.47 11.13 45.50
C SER B 566 -4.84 12.45 46.17
N GLU B 567 -5.16 13.45 45.35
CA GLU B 567 -5.46 14.79 45.84
C GLU B 567 -6.89 14.94 46.30
N GLN B 568 -7.06 15.42 47.53
CA GLN B 568 -8.38 15.62 48.14
C GLN B 568 -9.27 16.56 47.33
N ASN B 569 -10.58 16.50 47.59
CA ASN B 569 -11.56 17.44 47.03
C ASN B 569 -11.42 17.73 45.53
N ILE B 570 -12.02 16.89 44.70
CA ILE B 570 -12.07 17.17 43.27
C ILE B 570 -13.53 17.20 42.85
N VAL B 571 -13.91 18.22 42.07
CA VAL B 571 -15.31 18.48 41.74
C VAL B 571 -15.67 18.12 40.31
N TYR B 572 -16.75 17.34 40.14
CA TYR B 572 -17.23 16.91 38.82
C TYR B 572 -18.65 17.38 38.55
N ARG B 573 -18.86 17.94 37.36
CA ARG B 573 -20.19 18.36 36.96
C ARG B 573 -20.65 17.67 35.70
N GLY B 574 -21.89 17.23 35.73
CA GLY B 574 -22.46 16.52 34.59
C GLY B 574 -23.97 16.43 34.71
N SER B 575 -24.52 15.34 34.19
CA SER B 575 -25.95 15.21 33.97
C SER B 575 -26.36 13.74 34.12
N TRP B 576 -27.60 13.42 33.77
CA TRP B 576 -28.11 12.08 33.97
C TRP B 576 -29.36 11.77 33.18
N TYR B 577 -29.64 10.48 33.04
CA TYR B 577 -30.92 10.05 32.51
C TYR B 577 -31.57 9.30 33.65
N GLY B 578 -32.86 9.54 33.83
CA GLY B 578 -33.59 8.99 34.96
C GLY B 578 -34.91 8.40 34.55
N TYR B 579 -35.32 7.38 35.30
CA TYR B 579 -36.68 6.90 35.24
C TYR B 579 -37.10 6.52 36.64
N ILE B 580 -38.19 7.13 37.10
CA ILE B 580 -38.68 6.94 38.46
C ILE B 580 -40.19 6.79 38.43
N ALA B 581 -40.68 5.65 38.90
CA ALA B 581 -42.10 5.38 38.94
C ALA B 581 -42.55 5.02 40.34
N ASN B 582 -43.83 5.24 40.60
CA ASN B 582 -44.48 4.46 41.63
C ASN B 582 -45.41 3.55 40.86
N ASP B 583 -45.51 2.29 41.30
CA ASP B 583 -46.34 1.30 40.61
C ASP B 583 -47.84 1.55 40.81
N LYS B 584 -48.19 2.26 41.89
CA LYS B 584 -49.59 2.60 42.15
C LYS B 584 -49.98 3.86 41.38
N SER B 585 -49.00 4.74 41.20
CA SER B 585 -49.24 6.12 40.76
C SER B 585 -48.88 6.36 39.29
N THR B 586 -47.85 7.18 39.11
CA THR B 586 -47.41 7.65 37.79
C THR B 586 -45.87 7.49 37.68
N SER B 587 -45.28 7.99 36.60
CA SER B 587 -43.82 7.95 36.48
C SER B 587 -43.19 9.23 35.95
N TRP B 588 -41.96 9.47 36.41
CA TRP B 588 -41.16 10.58 35.93
C TRP B 588 -39.90 10.04 35.23
N SER B 589 -39.59 10.60 34.08
CA SER B 589 -38.34 10.30 33.41
C SER B 589 -37.74 11.58 32.85
N GLY B 590 -36.44 11.78 33.10
CA GLY B 590 -35.75 12.95 32.61
C GLY B 590 -34.49 12.63 31.83
N ASN B 591 -34.29 13.39 30.76
CA ASN B 591 -33.12 13.29 29.91
C ASN B 591 -31.92 14.15 30.37
N ALA B 592 -30.72 13.76 29.96
CA ALA B 592 -29.49 14.50 30.27
C ALA B 592 -29.45 15.87 29.60
N SER B 593 -28.78 16.81 30.26
CA SER B 593 -28.89 18.21 29.88
C SER B 593 -27.63 18.98 30.23
N ASN B 594 -27.34 20.01 29.44
CA ASN B 594 -26.35 21.02 29.81
C ASN B 594 -27.07 22.33 30.10
N ALA B 595 -28.40 22.28 30.13
CA ALA B 595 -29.19 23.46 30.47
C ALA B 595 -29.01 23.74 31.95
N THR B 596 -29.05 25.03 32.33
CA THR B 596 -28.84 25.39 33.73
C THR B 596 -29.90 24.74 34.62
N SER B 597 -31.13 24.74 34.13
CA SER B 597 -32.26 24.14 34.84
C SER B 597 -32.49 22.63 34.60
N GLY B 598 -31.98 22.09 33.49
CA GLY B 598 -32.22 20.69 33.13
C GLY B 598 -31.66 19.67 34.12
N ASN B 599 -31.79 18.37 33.80
CA ASN B 599 -31.09 17.34 34.57
C ASN B 599 -29.65 17.70 34.81
N ARG B 600 -29.17 17.44 36.02
CA ARG B 600 -27.84 17.85 36.40
C ARG B 600 -27.32 17.09 37.62
N ALA B 601 -26.00 16.92 37.64
CA ALA B 601 -25.30 16.14 38.66
C ALA B 601 -24.13 16.97 39.14
N GLU B 602 -23.64 16.61 40.30
CA GLU B 602 -22.46 17.25 40.81
C GLU B 602 -21.84 16.27 41.77
N PHE B 603 -20.51 16.23 41.81
CA PHE B 603 -19.86 15.34 42.74
C PHE B 603 -18.68 16.01 43.35
N THR B 604 -18.37 15.57 44.56
CA THR B 604 -17.16 15.96 45.23
C THR B 604 -16.45 14.67 45.56
N VAL B 605 -15.31 14.42 44.94
CA VAL B 605 -14.61 13.23 45.34
C VAL B 605 -13.32 13.55 46.09
N ASN B 606 -13.05 12.71 47.08
CA ASN B 606 -11.88 12.82 47.89
C ASN B 606 -11.09 11.50 47.82
N PHE B 607 -10.03 11.47 46.99
CA PHE B 607 -9.10 10.34 47.03
C PHE B 607 -8.24 10.50 48.28
N ALA B 608 -7.58 9.42 48.70
CA ALA B 608 -6.85 9.33 49.98
C ALA B 608 -7.80 9.10 51.15
N ASP B 609 -8.85 9.93 51.24
CA ASP B 609 -9.98 9.65 52.12
C ASP B 609 -10.84 8.58 51.47
N LYS B 610 -10.71 8.46 50.16
CA LYS B 610 -11.38 7.44 49.36
C LYS B 610 -12.89 7.55 49.52
N LYS B 611 -13.41 8.74 49.25
CA LYS B 611 -14.84 9.00 49.40
C LYS B 611 -15.42 9.72 48.21
N ILE B 612 -16.69 9.44 47.91
CA ILE B 612 -17.37 10.19 46.86
C ILE B 612 -18.73 10.61 47.36
N THR B 613 -19.08 11.85 47.02
CA THR B 613 -20.27 12.49 47.48
C THR B 613 -20.79 13.23 46.29
N GLY B 614 -22.10 13.17 46.10
CA GLY B 614 -22.66 13.84 44.98
C GLY B 614 -24.16 13.87 45.02
N THR B 615 -24.71 14.54 44.02
CA THR B 615 -26.10 14.87 43.99
C THR B 615 -26.60 14.74 42.57
N LEU B 616 -27.77 14.15 42.44
CA LEU B 616 -28.51 14.14 41.17
C LEU B 616 -29.80 14.91 41.35
N THR B 617 -30.05 15.82 40.42
CA THR B 617 -31.13 16.78 40.59
C THR B 617 -31.97 16.89 39.33
N ALA B 618 -33.23 16.49 39.48
CA ALA B 618 -34.17 16.42 38.39
C ALA B 618 -34.42 17.78 37.72
N ASP B 619 -34.77 17.74 36.43
CA ASP B 619 -35.08 18.93 35.65
C ASP B 619 -36.16 19.78 36.31
N ASN B 620 -35.92 21.08 36.36
CA ASN B 620 -36.86 22.04 36.94
C ASN B 620 -37.25 21.75 38.38
N ARG B 621 -36.37 21.10 39.13
CA ARG B 621 -36.51 21.05 40.59
C ARG B 621 -35.41 21.88 41.20
N GLN B 622 -35.53 22.13 42.51
CA GLN B 622 -34.54 22.89 43.25
C GLN B 622 -33.82 21.97 44.24
N GLU B 623 -34.60 21.17 44.96
CA GLU B 623 -34.07 20.20 45.92
C GLU B 623 -33.33 19.07 45.20
N ALA B 624 -32.38 18.42 45.87
CA ALA B 624 -31.71 17.27 45.27
C ALA B 624 -32.68 16.10 45.21
N THR B 625 -32.81 15.51 44.03
CA THR B 625 -33.64 14.34 43.82
C THR B 625 -32.99 13.10 44.42
N PHE B 626 -31.67 12.97 44.22
CA PHE B 626 -30.92 11.86 44.79
C PHE B 626 -29.68 12.33 45.45
N THR B 627 -29.40 11.79 46.63
CA THR B 627 -28.11 12.05 47.24
C THR B 627 -27.30 10.79 47.16
N ILE B 628 -26.02 10.95 46.85
CA ILE B 628 -25.16 9.81 46.54
C ILE B 628 -23.95 9.78 47.45
N ASP B 629 -23.73 8.60 48.05
CA ASP B 629 -22.63 8.42 49.00
C ASP B 629 -22.06 7.02 48.97
N GLY B 630 -20.79 6.94 48.60
CA GLY B 630 -20.11 5.68 48.55
C GLY B 630 -18.61 5.79 48.64
N ASN B 631 -17.99 4.67 48.31
CA ASN B 631 -16.58 4.45 48.55
C ASN B 631 -15.78 4.14 47.28
N ILE B 632 -14.62 4.76 47.17
CA ILE B 632 -13.77 4.55 46.04
C ILE B 632 -12.97 3.28 46.30
N LYS B 633 -12.97 2.39 45.31
CA LYS B 633 -12.12 1.21 45.32
C LYS B 633 -11.43 1.10 43.97
N ASP B 634 -10.11 1.17 44.01
CA ASP B 634 -9.28 1.07 42.81
C ASP B 634 -9.68 2.18 41.82
N ASN B 635 -10.25 1.82 40.67
CA ASN B 635 -10.68 2.84 39.72
C ASN B 635 -12.19 3.00 39.67
N GLY B 636 -12.87 2.38 40.65
CA GLY B 636 -14.31 2.37 40.66
C GLY B 636 -14.86 2.92 41.96
N PHE B 637 -16.19 2.94 42.04
CA PHE B 637 -16.81 3.28 43.30
C PHE B 637 -18.11 2.54 43.46
N GLU B 638 -18.42 2.23 44.71
CA GLU B 638 -19.63 1.51 45.06
C GLU B 638 -20.27 2.23 46.24
N GLY B 639 -21.58 2.44 46.18
CA GLY B 639 -22.26 3.13 47.26
C GLY B 639 -23.78 3.05 47.30
N THR B 640 -24.40 3.97 48.03
CA THR B 640 -25.86 4.00 48.14
C THR B 640 -26.45 5.24 47.47
N ALA B 641 -27.74 5.17 47.11
CA ALA B 641 -28.42 6.31 46.52
C ALA B 641 -29.84 6.42 47.03
N LYS B 642 -30.20 7.59 47.57
CA LYS B 642 -31.48 7.78 48.24
C LYS B 642 -32.14 9.09 47.80
N THR B 643 -33.47 9.05 47.67
CA THR B 643 -34.29 10.25 47.48
C THR B 643 -34.35 11.04 48.78
N ALA B 644 -34.89 12.26 48.72
CA ALA B 644 -35.10 13.06 49.93
C ALA B 644 -35.92 12.24 50.93
N GLU B 645 -35.68 12.46 52.23
CA GLU B 645 -36.40 11.66 53.22
C GLU B 645 -37.90 11.90 53.13
N SER B 646 -38.27 13.08 52.63
CA SER B 646 -39.65 13.44 52.36
C SER B 646 -40.18 12.86 51.06
N GLY B 647 -39.38 12.02 50.40
CA GLY B 647 -39.77 11.38 49.15
C GLY B 647 -39.52 12.19 47.87
N PHE B 648 -39.59 11.49 46.73
CA PHE B 648 -39.60 12.19 45.45
C PHE B 648 -41.04 12.38 45.03
N ASP B 649 -41.24 13.12 43.95
CA ASP B 649 -42.53 13.66 43.68
C ASP B 649 -42.60 14.30 42.31
N LEU B 650 -43.52 13.91 41.45
CA LEU B 650 -43.41 12.86 40.47
C LEU B 650 -43.94 13.80 39.38
N ASP B 651 -44.97 14.56 39.78
CA ASP B 651 -45.59 15.59 38.96
C ASP B 651 -45.87 16.82 39.84
N GLN B 652 -44.97 17.80 39.81
CA GLN B 652 -45.06 18.93 40.73
C GLN B 652 -46.37 19.73 40.65
N SER B 653 -46.92 19.85 39.45
CA SER B 653 -48.17 20.60 39.22
C SER B 653 -49.32 20.02 40.05
N ASN B 654 -49.24 18.72 40.33
CA ASN B 654 -50.16 18.08 41.26
C ASN B 654 -49.91 18.52 42.71
N THR B 655 -50.86 19.29 43.24
CA THR B 655 -50.73 19.92 44.55
C THR B 655 -51.56 19.19 45.60
N THR B 656 -51.60 17.88 45.50
CA THR B 656 -52.39 17.09 46.44
C THR B 656 -51.59 15.88 46.93
N ARG B 657 -52.21 15.12 47.82
CA ARG B 657 -51.62 13.90 48.37
C ARG B 657 -51.72 12.77 47.34
N THR B 658 -50.71 12.61 46.48
CA THR B 658 -50.76 11.52 45.50
C THR B 658 -49.55 10.58 45.40
N PRO B 659 -48.46 11.03 44.75
CA PRO B 659 -47.59 10.09 44.01
C PRO B 659 -46.89 9.07 44.88
N LYS B 660 -45.57 9.14 44.73
CA LYS B 660 -44.64 9.44 45.79
C LYS B 660 -43.47 8.49 45.89
N ALA B 661 -42.52 8.71 44.98
CA ALA B 661 -41.37 7.83 44.85
C ALA B 661 -40.48 7.88 46.09
N TYR B 662 -40.39 6.75 46.77
CA TYR B 662 -39.52 6.59 47.93
C TYR B 662 -38.38 5.59 47.64
N ILE B 663 -37.22 6.11 47.22
CA ILE B 663 -36.04 5.27 47.00
C ILE B 663 -35.09 5.27 48.22
N THR B 664 -35.13 4.20 49.01
CA THR B 664 -34.18 4.05 50.10
C THR B 664 -32.81 3.65 49.54
N ASP B 665 -32.18 2.63 50.12
CA ASP B 665 -30.80 2.29 49.72
C ASP B 665 -30.64 1.63 48.33
N ALA B 666 -30.68 2.45 47.29
CA ALA B 666 -30.41 1.96 45.95
C ALA B 666 -28.91 1.71 45.82
N LYS B 667 -28.56 0.57 45.22
CA LYS B 667 -27.15 0.23 45.02
C LYS B 667 -26.57 0.88 43.76
N VAL B 668 -25.62 1.79 43.97
CA VAL B 668 -24.99 2.48 42.86
C VAL B 668 -23.57 1.94 42.66
N GLN B 669 -23.19 1.82 41.40
CA GLN B 669 -21.88 1.33 41.01
C GLN B 669 -21.37 2.33 40.00
N GLY B 670 -20.07 2.55 40.02
CA GLY B 670 -19.47 3.49 39.11
C GLY B 670 -17.98 3.22 38.95
N GLY B 671 -17.32 4.07 38.19
CA GLY B 671 -15.89 3.95 37.99
C GLY B 671 -15.41 5.30 37.50
N PHE B 672 -14.10 5.49 37.50
CA PHE B 672 -13.51 6.70 36.92
C PHE B 672 -12.89 6.37 35.57
N TYR B 673 -12.89 7.33 34.66
CA TYR B 673 -12.62 7.01 33.26
C TYR B 673 -11.54 7.88 32.61
N GLY B 674 -10.53 7.19 32.05
CA GLY B 674 -9.39 7.75 31.33
C GLY B 674 -8.80 9.07 31.73
N PRO B 675 -7.69 9.53 31.15
CA PRO B 675 -6.29 9.24 31.36
C PRO B 675 -6.02 9.32 32.87
N LYS B 676 -6.34 10.46 33.48
CA LYS B 676 -6.15 10.64 34.93
C LYS B 676 -7.47 10.95 35.67
N ALA B 677 -8.41 10.03 35.50
CA ALA B 677 -9.73 10.11 36.13
C ALA B 677 -10.45 11.42 35.85
N GLU B 678 -10.40 11.88 34.60
CA GLU B 678 -11.01 13.16 34.24
C GLU B 678 -12.54 13.08 34.11
N GLU B 679 -13.07 11.87 34.17
CA GLU B 679 -14.52 11.66 34.02
C GLU B 679 -14.91 10.53 34.97
N LEU B 680 -16.14 10.59 35.49
CA LEU B 680 -16.68 9.49 36.29
C LEU B 680 -18.10 9.20 35.84
N GLY B 681 -18.65 8.06 36.26
CA GLY B 681 -19.95 7.65 35.76
C GLY B 681 -20.50 6.55 36.63
N GLY B 682 -21.83 6.48 36.73
CA GLY B 682 -22.46 5.46 37.53
C GLY B 682 -23.87 5.18 37.08
N TRP B 683 -24.41 4.08 37.60
CA TRP B 683 -25.71 3.63 37.20
C TRP B 683 -26.21 2.93 38.44
N PHE B 684 -27.54 2.85 38.55
CA PHE B 684 -28.17 2.05 39.57
C PHE B 684 -29.59 1.72 39.18
N ALA B 685 -30.12 0.69 39.80
CA ALA B 685 -31.43 0.18 39.45
C ALA B 685 -32.06 -0.23 40.76
N TYR B 686 -33.28 0.26 41.00
CA TYR B 686 -33.97 -0.03 42.25
C TYR B 686 -35.36 -0.51 41.93
N PRO B 687 -35.80 -1.57 42.64
CA PRO B 687 -34.92 -2.29 43.56
C PRO B 687 -34.10 -3.35 42.83
N GLY B 688 -32.93 -3.67 43.37
CA GLY B 688 -32.07 -4.66 42.75
C GLY B 688 -32.24 -6.04 43.38
N ASP B 689 -31.60 -7.04 42.77
CA ASP B 689 -31.75 -8.43 43.21
C ASP B 689 -31.12 -8.68 44.58
N SER B 699 -41.70 -5.61 49.15
CA SER B 699 -43.05 -5.12 49.45
C SER B 699 -43.15 -3.58 49.43
N GLY B 700 -42.70 -2.98 48.32
CA GLY B 700 -42.80 -1.55 48.08
C GLY B 700 -43.08 -1.30 46.59
N ASN B 701 -43.38 -0.07 46.22
CA ASN B 701 -43.80 0.24 44.84
C ASN B 701 -42.93 1.29 44.17
N SER B 702 -41.84 1.66 44.82
CA SER B 702 -40.98 2.65 44.22
C SER B 702 -40.06 1.95 43.22
N SER B 703 -39.71 2.68 42.18
CA SER B 703 -38.88 2.14 41.13
C SER B 703 -38.02 3.25 40.56
N ALA B 704 -36.77 2.87 40.25
CA ALA B 704 -35.79 3.77 39.70
C ALA B 704 -34.75 3.04 38.83
N THR B 705 -34.35 3.70 37.75
CA THR B 705 -33.29 3.23 36.90
C THR B 705 -32.55 4.50 36.43
N VAL B 706 -31.29 4.66 36.81
CA VAL B 706 -30.51 5.81 36.32
C VAL B 706 -29.06 5.52 35.94
N VAL B 707 -28.58 6.27 34.94
CA VAL B 707 -27.17 6.36 34.61
C VAL B 707 -26.81 7.85 34.59
N PHE B 708 -25.61 8.16 35.08
CA PHE B 708 -25.14 9.53 35.10
C PHE B 708 -23.67 9.51 34.74
N GLY B 709 -23.22 10.55 34.01
CA GLY B 709 -21.81 10.87 33.90
C GLY B 709 -21.44 12.31 34.25
N ALA B 710 -20.21 12.51 34.72
CA ALA B 710 -19.71 13.83 35.12
C ALA B 710 -18.27 14.05 34.67
N LYS B 711 -17.91 15.32 34.42
CA LYS B 711 -16.56 15.65 34.00
C LYS B 711 -15.87 16.52 35.03
N ARG B 712 -14.57 16.28 35.24
CA ARG B 712 -13.80 17.03 36.24
C ARG B 712 -13.67 18.50 35.89
N GLN B 713 -13.93 19.36 36.87
CA GLN B 713 -13.85 20.80 36.68
C GLN B 713 -12.55 21.38 37.22
#